data_7PDX
#
_entry.id   7PDX
#
_cell.length_a   54.930
_cell.length_b   59.171
_cell.length_c   86.020
_cell.angle_alpha   101.940
_cell.angle_beta   105.870
_cell.angle_gamma   104.690
#
_symmetry.space_group_name_H-M   'P 1'
#
loop_
_entity.id
_entity.type
_entity.pdbx_description
1 polymer 'T-cell receptor alpha chain (TRAV/TRAC)'
2 polymer 'T-cell receptor beta chain (TRBV/TRBC)'
3 non-polymer 'CHLORIDE ION'
4 non-polymer 'PHOSPHATE ION'
5 water water
#
loop_
_entity_poly.entity_id
_entity_poly.type
_entity_poly.pdbx_seq_one_letter_code
_entity_poly.pdbx_strand_id
1 'polypeptide(L)'
;MQKEVEQNSGPLSVPEGAIASLNCTYSDRGSQSFFWYRQYSGKSPELIMSIYSNGDKEDGRFTAQLNKASQYVSLLIRDS
QPSDSATYLCAVRGTGRRALTFGSGTRLQVQPNIQNPDPAVYQLRDSKSSDKSVCLFTDFDSQTNVSQSKDSDVYITDKC
VLDMRSMDFKSNSAVAWSNKSDFACANAFNNSIIPEDTFFPSPESS
;
CCC,AAA
2 'polypeptide(L)'
;MNAGVTQTPKFRVLKTGQSMTLLCAQDMNHEYMYWYRQDPGMGLRLIHYSVGEGTTAKGEVPDGYNVSRLKKQNFLLGLE
SAAPSQTSVYFCASSFTDTQYFGPGTRLTVLEDLKNVFPPEVAVFEPSEAEISHTQKATLVCLATGFYPDHVELSWWVNG
KEVHSGVCTDPQPLKEQPALNDSRYALSSRLRVSATFWQDPRNHFRCQVQFYGLSENDEWTQDRAKPVTQIVSAEAWGRA
D
;
DDD,BBB
#
# COMPACT_ATOMS: atom_id res chain seq x y z
N GLN A 2 -15.37 -11.26 9.86
CA GLN A 2 -15.13 -11.05 8.38
C GLN A 2 -15.97 -9.87 7.88
N LYS A 3 -15.36 -8.99 7.06
CA LYS A 3 -15.95 -7.68 6.62
C LYS A 3 -16.83 -7.95 5.39
N GLU A 4 -17.93 -7.22 5.26
CA GLU A 4 -18.91 -7.40 4.15
C GLU A 4 -18.56 -6.47 2.99
N VAL A 5 -17.84 -5.39 3.28
CA VAL A 5 -17.30 -4.43 2.29
C VAL A 5 -15.81 -4.26 2.62
N GLU A 6 -14.93 -4.55 1.67
CA GLU A 6 -13.45 -4.53 1.88
C GLU A 6 -12.85 -3.48 0.95
N GLN A 7 -12.04 -2.59 1.54
CA GLN A 7 -11.19 -1.59 0.85
C GLN A 7 -9.79 -1.60 1.48
N ASN A 8 -8.71 -1.53 0.69
CA ASN A 8 -7.35 -1.34 1.26
C ASN A 8 -7.34 0.05 1.91
N SER A 9 -6.80 0.18 3.14
CA SER A 9 -6.71 1.47 3.86
C SER A 9 -5.85 2.48 3.08
N GLY A 10 -4.89 2.02 2.29
CA GLY A 10 -3.87 2.90 1.69
C GLY A 10 -2.90 3.36 2.78
N PRO A 11 -2.27 4.54 2.70
CA PRO A 11 -2.58 5.52 1.66
C PRO A 11 -2.16 5.02 0.28
N LEU A 12 -2.96 5.39 -0.73
CA LEU A 12 -2.65 5.20 -2.15
C LEU A 12 -2.09 6.53 -2.65
N SER A 13 -0.84 6.56 -3.03
CA SER A 13 -0.16 7.77 -3.55
C SER A 13 -0.24 7.73 -5.08
N VAL A 14 -0.74 8.80 -5.71
CA VAL A 14 -0.97 8.92 -7.18
C VAL A 14 -0.38 10.26 -7.62
N PRO A 15 0.44 10.29 -8.70
CA PRO A 15 0.96 11.55 -9.21
C PRO A 15 -0.18 12.38 -9.82
N GLU A 16 -0.09 13.71 -9.69
CA GLU A 16 -1.14 14.60 -10.24
C GLU A 16 -1.14 14.51 -11.77
N GLY A 17 -2.37 14.51 -12.32
CA GLY A 17 -2.70 14.28 -13.73
C GLY A 17 -3.06 12.81 -13.99
N ALA A 18 -2.55 11.86 -13.21
CA ALA A 18 -2.70 10.41 -13.51
C ALA A 18 -4.10 9.94 -13.09
N ILE A 19 -4.52 8.76 -13.55
CA ILE A 19 -5.79 8.14 -13.10
C ILE A 19 -5.54 7.50 -11.73
N ALA A 20 -6.32 7.89 -10.72
CA ALA A 20 -6.42 7.20 -9.43
C ALA A 20 -7.52 6.13 -9.53
N SER A 21 -7.18 4.93 -9.10
CA SER A 21 -8.05 3.72 -9.15
C SER A 21 -8.28 3.25 -7.72
N LEU A 22 -9.54 3.32 -7.27
CA LEU A 22 -9.98 2.79 -5.96
C LEU A 22 -10.89 1.59 -6.22
N ASN A 23 -10.67 0.49 -5.51
CA ASN A 23 -11.45 -0.76 -5.67
C ASN A 23 -12.04 -1.16 -4.35
N CYS A 24 -13.17 -1.85 -4.44
CA CYS A 24 -14.01 -2.29 -3.32
C CYS A 24 -14.64 -3.64 -3.66
N THR A 25 -14.57 -4.59 -2.75
CA THR A 25 -15.20 -5.92 -2.88
C THR A 25 -16.29 -6.05 -1.82
N TYR A 26 -17.32 -6.84 -2.10
CA TYR A 26 -18.44 -7.07 -1.16
C TYR A 26 -18.79 -8.55 -1.24
N SER A 27 -19.20 -9.14 -0.11
CA SER A 27 -19.50 -10.58 0.02
C SER A 27 -20.95 -10.88 -0.37
N ASP A 28 -21.89 -9.95 -0.20
CA ASP A 28 -23.33 -10.18 -0.52
C ASP A 28 -23.57 -10.03 -2.03
N ARG A 29 -23.60 -11.14 -2.75
CA ARG A 29 -23.81 -11.25 -4.23
C ARG A 29 -25.17 -10.66 -4.63
N GLY A 30 -26.15 -10.65 -3.71
CA GLY A 30 -27.49 -10.11 -3.95
C GLY A 30 -27.62 -8.63 -3.65
N SER A 31 -26.51 -7.93 -3.35
CA SER A 31 -26.44 -6.46 -3.16
C SER A 31 -26.98 -5.74 -4.41
N GLN A 32 -27.76 -4.68 -4.21
CA GLN A 32 -28.49 -4.00 -5.31
C GLN A 32 -27.97 -2.57 -5.52
N SER A 33 -27.39 -1.94 -4.50
CA SER A 33 -26.96 -0.52 -4.58
C SER A 33 -25.50 -0.39 -4.15
N PHE A 34 -24.78 0.52 -4.82
CA PHE A 34 -23.31 0.68 -4.65
C PHE A 34 -23.00 2.17 -4.75
N PHE A 35 -22.19 2.67 -3.82
CA PHE A 35 -21.93 4.11 -3.63
C PHE A 35 -20.44 4.32 -3.33
N TRP A 36 -19.93 5.38 -3.92
CA TRP A 36 -18.65 6.01 -3.54
C TRP A 36 -18.94 7.37 -2.88
N TYR A 37 -18.38 7.54 -1.70
CA TYR A 37 -18.40 8.80 -0.91
C TYR A 37 -16.95 9.25 -0.72
N ARG A 38 -16.74 10.56 -0.80
CA ARG A 38 -15.47 11.24 -0.46
C ARG A 38 -15.63 11.90 0.92
N GLN A 39 -14.63 11.76 1.76
CA GLN A 39 -14.56 12.44 3.07
C GLN A 39 -13.20 13.11 3.26
N TYR A 40 -13.18 14.44 3.27
CA TYR A 40 -12.00 15.24 3.68
C TYR A 40 -11.88 15.14 5.19
N SER A 41 -10.64 15.22 5.68
CA SER A 41 -10.32 15.02 7.10
C SER A 41 -11.14 16.05 7.89
N GLY A 42 -11.81 15.60 8.96
CA GLY A 42 -12.64 16.42 9.86
C GLY A 42 -13.95 16.88 9.22
N LYS A 43 -14.34 16.33 8.07
CA LYS A 43 -15.57 16.77 7.35
C LYS A 43 -16.46 15.56 7.15
N SER A 44 -17.56 15.71 6.44
CA SER A 44 -18.64 14.70 6.36
C SER A 44 -18.56 13.99 5.01
N PRO A 45 -19.09 12.76 4.90
CA PRO A 45 -19.14 12.04 3.62
C PRO A 45 -20.00 12.75 2.56
N GLU A 46 -19.47 12.94 1.37
CA GLU A 46 -20.19 13.50 0.20
C GLU A 46 -20.21 12.45 -0.91
N LEU A 47 -21.40 12.23 -1.49
CA LEU A 47 -21.66 11.32 -2.62
C LEU A 47 -20.85 11.76 -3.84
N ILE A 48 -20.04 10.85 -4.38
CA ILE A 48 -19.30 11.00 -5.66
C ILE A 48 -20.07 10.25 -6.77
N MET A 49 -20.47 9.00 -6.51
CA MET A 49 -21.23 8.17 -7.49
C MET A 49 -22.10 7.16 -6.76
N SER A 50 -23.27 6.91 -7.34
CA SER A 50 -24.13 5.74 -7.06
C SER A 50 -24.12 4.90 -8.35
N ILE A 51 -24.19 3.58 -8.23
CA ILE A 51 -24.25 2.69 -9.42
C ILE A 51 -25.09 1.46 -9.08
N TYR A 52 -25.86 1.02 -10.08
CA TYR A 52 -26.88 -0.05 -9.90
C TYR A 52 -26.74 -1.15 -10.97
N SER A 53 -26.23 -0.81 -12.16
CA SER A 53 -26.13 -1.73 -13.33
C SER A 53 -24.66 -2.02 -13.64
N ASN A 54 -24.34 -3.26 -14.03
CA ASN A 54 -23.01 -3.67 -14.52
C ASN A 54 -22.55 -2.66 -15.56
N GLY A 55 -21.28 -2.31 -15.55
CA GLY A 55 -20.71 -1.38 -16.53
C GLY A 55 -20.15 -0.14 -15.89
N ASP A 56 -20.10 0.92 -16.68
CA ASP A 56 -19.41 2.18 -16.33
C ASP A 56 -20.50 3.25 -16.17
N LYS A 57 -20.30 4.15 -15.21
CA LYS A 57 -21.10 5.37 -15.00
C LYS A 57 -20.14 6.53 -14.78
N GLU A 58 -20.17 7.50 -15.69
CA GLU A 58 -19.26 8.67 -15.72
C GLU A 58 -20.00 9.87 -15.11
N ASP A 59 -19.30 10.65 -14.30
CA ASP A 59 -19.78 12.00 -13.85
C ASP A 59 -18.54 12.89 -13.71
N GLY A 60 -18.23 13.65 -14.76
CA GLY A 60 -17.05 14.53 -14.83
C GLY A 60 -15.76 13.74 -14.91
N ARG A 61 -14.87 13.90 -13.93
CA ARG A 61 -13.55 13.21 -13.87
C ARG A 61 -13.73 11.83 -13.24
N PHE A 62 -14.92 11.53 -12.70
CA PHE A 62 -15.21 10.29 -11.94
C PHE A 62 -15.84 9.26 -12.86
N THR A 63 -15.40 8.00 -12.74
CA THR A 63 -16.07 6.81 -13.32
C THR A 63 -16.17 5.75 -12.25
N ALA A 64 -17.40 5.35 -11.95
CA ALA A 64 -17.70 4.13 -11.17
C ALA A 64 -17.83 3.00 -12.17
N GLN A 65 -17.36 1.82 -11.80
CA GLN A 65 -17.41 0.59 -12.61
C GLN A 65 -17.93 -0.50 -11.66
N LEU A 66 -19.04 -1.11 -12.04
CA LEU A 66 -19.68 -2.18 -11.25
C LEU A 66 -19.59 -3.48 -12.05
N ASN A 67 -19.23 -4.56 -11.37
CA ASN A 67 -19.23 -5.94 -11.92
C ASN A 67 -19.77 -6.84 -10.83
N LYS A 68 -21.02 -7.26 -10.96
CA LYS A 68 -21.74 -8.05 -9.93
C LYS A 68 -21.29 -9.51 -9.98
N ALA A 69 -20.84 -9.97 -11.14
CA ALA A 69 -20.30 -11.33 -11.33
C ALA A 69 -18.99 -11.45 -10.55
N SER A 70 -18.13 -10.43 -10.62
CA SER A 70 -16.79 -10.44 -9.96
C SER A 70 -16.86 -9.81 -8.56
N GLN A 71 -18.02 -9.30 -8.17
CA GLN A 71 -18.29 -8.68 -6.84
C GLN A 71 -17.24 -7.60 -6.51
N TYR A 72 -17.03 -6.68 -7.44
CA TYR A 72 -16.18 -5.50 -7.16
C TYR A 72 -16.96 -4.27 -7.62
N VAL A 73 -16.70 -3.14 -6.98
CA VAL A 73 -17.10 -1.81 -7.52
C VAL A 73 -15.84 -0.93 -7.42
N SER A 74 -15.60 -0.15 -8.46
CA SER A 74 -14.36 0.64 -8.68
C SER A 74 -14.69 2.11 -8.83
N LEU A 75 -13.73 2.97 -8.50
CA LEU A 75 -13.80 4.42 -8.81
C LEU A 75 -12.50 4.83 -9.47
N LEU A 76 -12.58 5.42 -10.66
CA LEU A 76 -11.43 6.01 -11.37
C LEU A 76 -11.59 7.51 -11.30
N ILE A 77 -10.56 8.19 -10.86
CA ILE A 77 -10.53 9.67 -10.94
C ILE A 77 -9.53 10.00 -12.03
N ARG A 78 -10.04 10.54 -13.13
CA ARG A 78 -9.19 10.99 -14.26
C ARG A 78 -8.62 12.36 -13.87
N ASP A 79 -7.44 12.69 -14.36
CA ASP A 79 -6.79 14.02 -14.19
C ASP A 79 -6.68 14.38 -12.70
N SER A 80 -6.24 13.43 -11.88
CA SER A 80 -6.27 13.55 -10.40
C SER A 80 -5.56 14.85 -9.98
N GLN A 81 -6.11 15.51 -8.97
CA GLN A 81 -5.56 16.78 -8.43
C GLN A 81 -5.25 16.55 -6.95
N PRO A 82 -4.27 17.27 -6.35
CA PRO A 82 -4.09 17.26 -4.88
C PRO A 82 -5.39 17.45 -4.09
N SER A 83 -6.31 18.28 -4.59
CA SER A 83 -7.61 18.57 -3.94
C SER A 83 -8.47 17.31 -3.89
N ASP A 84 -8.16 16.27 -4.67
CA ASP A 84 -8.85 14.96 -4.60
C ASP A 84 -8.37 14.16 -3.38
N SER A 85 -7.30 14.59 -2.71
CA SER A 85 -6.73 13.90 -1.53
C SER A 85 -7.78 13.85 -0.42
N ALA A 86 -8.18 12.65 -0.03
CA ALA A 86 -9.33 12.44 0.88
C ALA A 86 -9.39 10.95 1.22
N THR A 87 -10.29 10.54 2.10
CA THR A 87 -10.68 9.12 2.27
C THR A 87 -11.90 8.84 1.38
N TYR A 88 -11.84 7.80 0.57
CA TYR A 88 -12.98 7.39 -0.29
C TYR A 88 -13.63 6.19 0.36
N LEU A 89 -14.94 6.28 0.62
CA LEU A 89 -15.73 5.22 1.27
C LEU A 89 -16.59 4.54 0.21
N CYS A 90 -16.49 3.25 0.17
CA CYS A 90 -17.34 2.37 -0.63
C CYS A 90 -18.51 1.95 0.26
N ALA A 91 -19.74 2.00 -0.25
CA ALA A 91 -20.92 1.60 0.54
C ALA A 91 -21.82 0.72 -0.32
N VAL A 92 -22.42 -0.29 0.29
CA VAL A 92 -23.24 -1.30 -0.43
C VAL A 92 -24.54 -1.49 0.36
N ARG A 93 -25.68 -1.46 -0.35
CA ARG A 93 -26.95 -1.94 0.24
C ARG A 93 -27.03 -3.44 -0.03
N GLY A 94 -26.98 -4.27 1.02
CA GLY A 94 -27.14 -5.74 0.91
C GLY A 94 -28.58 -6.17 0.55
N THR A 95 -28.80 -7.49 0.44
CA THR A 95 -30.13 -8.09 0.15
C THR A 95 -31.10 -7.79 1.31
N GLY A 96 -32.25 -7.16 1.01
CA GLY A 96 -33.33 -6.88 1.99
C GLY A 96 -33.02 -5.68 2.88
N ARG A 97 -31.75 -5.35 3.11
CA ARG A 97 -31.28 -4.29 4.03
C ARG A 97 -31.75 -2.92 3.49
N ARG A 98 -32.05 -2.00 4.41
CA ARG A 98 -32.51 -0.60 4.12
C ARG A 98 -31.30 0.36 4.17
N ALA A 99 -30.49 0.26 5.23
CA ALA A 99 -29.27 1.06 5.48
C ALA A 99 -28.08 0.52 4.65
N LEU A 100 -27.15 1.41 4.29
CA LEU A 100 -25.89 1.06 3.60
C LEU A 100 -24.92 0.48 4.63
N THR A 101 -24.09 -0.47 4.22
CA THR A 101 -22.93 -0.97 4.97
C THR A 101 -21.69 -0.31 4.35
N PHE A 102 -20.89 0.35 5.17
CA PHE A 102 -19.77 1.21 4.74
C PHE A 102 -18.45 0.48 4.89
N GLY A 103 -17.62 0.51 3.85
CA GLY A 103 -16.21 0.13 3.97
C GLY A 103 -15.47 1.08 4.90
N SER A 104 -14.31 0.68 5.37
CA SER A 104 -13.43 1.48 6.25
C SER A 104 -12.61 2.47 5.41
N GLY A 105 -12.74 2.47 4.09
CA GLY A 105 -12.27 3.59 3.29
C GLY A 105 -10.84 3.44 2.83
N THR A 106 -10.52 4.09 1.71
CA THR A 106 -9.17 4.17 1.15
C THR A 106 -8.71 5.62 1.16
N ARG A 107 -7.64 5.92 1.89
CA ARG A 107 -7.02 7.27 1.84
C ARG A 107 -6.22 7.38 0.55
N LEU A 108 -6.58 8.38 -0.26
CA LEU A 108 -5.89 8.75 -1.53
C LEU A 108 -5.04 9.97 -1.28
N GLN A 109 -3.78 9.94 -1.68
CA GLN A 109 -2.91 11.15 -1.72
C GLN A 109 -2.48 11.41 -3.16
N VAL A 110 -2.88 12.54 -3.69
CA VAL A 110 -2.40 12.99 -5.03
C VAL A 110 -1.20 13.92 -4.80
N GLN A 111 -0.03 13.53 -5.26
CA GLN A 111 1.24 14.26 -5.01
C GLN A 111 1.42 15.23 -6.16
N PRO A 112 1.63 16.53 -5.86
CA PRO A 112 1.91 17.50 -6.92
C PRO A 112 3.19 17.14 -7.67
N ASN A 113 3.26 17.52 -8.96
CA ASN A 113 4.54 17.55 -9.70
C ASN A 113 5.26 18.86 -9.39
N ILE A 114 6.40 18.76 -8.73
CA ILE A 114 7.33 19.91 -8.45
C ILE A 114 8.26 20.08 -9.64
N GLN A 115 7.89 20.96 -10.56
CA GLN A 115 8.65 21.30 -11.78
C GLN A 115 10.11 21.51 -11.41
N ASN A 116 10.39 22.48 -10.54
CA ASN A 116 11.77 22.92 -10.20
C ASN A 116 11.96 22.81 -8.69
N PRO A 117 12.32 21.63 -8.15
CA PRO A 117 12.59 21.51 -6.73
C PRO A 117 13.66 22.53 -6.29
N ASP A 118 13.46 23.15 -5.13
CA ASP A 118 14.39 24.12 -4.51
C ASP A 118 14.44 23.83 -3.01
N PRO A 119 14.79 22.60 -2.60
CA PRO A 119 14.65 22.20 -1.20
C PRO A 119 15.51 23.08 -0.30
N ALA A 120 14.89 23.57 0.77
CA ALA A 120 15.46 24.50 1.77
C ALA A 120 14.80 24.29 3.12
N VAL A 121 15.56 24.56 4.18
CA VAL A 121 15.06 24.71 5.58
C VAL A 121 15.30 26.17 5.99
N TYR A 122 14.22 26.88 6.32
CA TYR A 122 14.25 28.32 6.68
C TYR A 122 13.90 28.46 8.16
N GLN A 123 14.39 29.51 8.82
CA GLN A 123 14.07 29.82 10.24
C GLN A 123 13.07 30.96 10.27
N LEU A 124 11.97 30.80 11.01
CA LEU A 124 10.99 31.87 11.36
C LEU A 124 11.09 32.20 12.87
N ARG A 125 10.99 33.49 13.22
CA ARG A 125 11.00 34.03 14.61
C ARG A 125 9.57 34.48 14.93
N ASP A 126 9.18 34.52 16.22
CA ASP A 126 7.78 34.86 16.62
C ASP A 126 7.56 36.32 16.26
N SER A 127 6.42 36.64 15.62
CA SER A 127 5.99 38.03 15.26
C SER A 127 5.87 38.87 16.54
N LYS A 128 5.40 38.23 17.63
CA LYS A 128 5.21 38.82 18.98
C LYS A 128 6.26 38.22 19.91
N SER A 129 5.90 37.21 20.71
CA SER A 129 6.85 36.42 21.52
C SER A 129 6.28 35.01 21.86
N SER A 130 7.06 33.99 21.48
CA SER A 130 6.90 32.57 21.88
C SER A 130 8.31 32.00 22.13
N ASP A 131 8.44 31.05 23.07
CA ASP A 131 9.71 30.31 23.36
C ASP A 131 10.15 29.51 22.14
N LYS A 132 9.28 29.36 21.13
CA LYS A 132 9.42 28.41 19.99
C LYS A 132 10.35 29.00 18.93
N SER A 133 11.38 28.22 18.56
CA SER A 133 12.14 28.38 17.30
C SER A 133 11.48 27.47 16.25
N VAL A 134 11.06 28.00 15.10
CA VAL A 134 10.30 27.19 14.11
C VAL A 134 11.05 27.15 12.77
N CYS A 135 11.18 25.92 12.25
CA CYS A 135 11.94 25.57 11.03
C CYS A 135 10.97 25.08 9.95
N LEU A 136 11.05 25.69 8.76
CA LEU A 136 10.22 25.37 7.58
C LEU A 136 11.10 24.66 6.55
N PHE A 137 10.83 23.38 6.29
CA PHE A 137 11.37 22.63 5.13
C PHE A 137 10.34 22.82 3.99
N THR A 138 10.78 23.26 2.82
CA THR A 138 9.87 23.67 1.73
C THR A 138 10.52 23.43 0.36
N ASP A 139 9.70 23.31 -0.68
CA ASP A 139 10.09 23.36 -2.12
C ASP A 139 10.84 22.07 -2.48
N PHE A 140 10.65 21.03 -1.66
CA PHE A 140 11.13 19.67 -1.97
C PHE A 140 10.15 19.00 -2.93
N ASP A 141 10.73 18.07 -3.69
CA ASP A 141 10.09 17.11 -4.61
C ASP A 141 9.16 16.21 -3.78
N SER A 142 8.04 15.80 -4.38
CA SER A 142 6.98 15.00 -3.69
C SER A 142 7.48 13.60 -3.35
N GLN A 143 8.62 13.17 -3.88
CA GLN A 143 9.24 11.86 -3.55
C GLN A 143 9.90 11.93 -2.15
N THR A 144 10.18 13.14 -1.65
CA THR A 144 10.78 13.30 -0.29
C THR A 144 9.67 12.99 0.72
N ASN A 145 9.98 12.23 1.76
CA ASN A 145 9.03 11.94 2.87
C ASN A 145 9.61 12.51 4.16
N VAL A 146 8.74 13.00 5.03
CA VAL A 146 9.17 13.68 6.28
C VAL A 146 8.71 12.81 7.42
N SER A 147 9.64 12.35 8.25
CA SER A 147 9.37 11.50 9.43
C SER A 147 9.16 12.40 10.63
N GLN A 148 8.45 11.91 11.64
CA GLN A 148 8.34 12.60 12.95
C GLN A 148 9.71 12.45 13.59
N SER A 149 10.06 13.27 14.57
CA SER A 149 11.34 13.18 15.31
C SER A 149 11.24 12.05 16.34
N LYS A 150 12.39 11.50 16.73
CA LYS A 150 12.49 10.60 17.91
C LYS A 150 12.87 11.46 19.10
N ASP A 151 13.19 12.74 18.84
CA ASP A 151 13.66 13.72 19.85
C ASP A 151 12.42 14.21 20.64
N SER A 152 12.38 13.82 21.89
CA SER A 152 11.47 14.39 22.92
C SER A 152 11.47 15.91 22.78
N ASP A 153 10.30 16.53 22.66
CA ASP A 153 10.09 18.00 22.70
C ASP A 153 10.41 18.64 21.35
N VAL A 154 10.60 17.84 20.29
CA VAL A 154 10.69 18.36 18.89
C VAL A 154 9.45 17.88 18.11
N TYR A 155 8.70 18.80 17.54
CA TYR A 155 7.40 18.56 16.86
C TYR A 155 7.62 18.75 15.36
N ILE A 156 7.42 17.71 14.57
CA ILE A 156 7.52 17.80 13.09
C ILE A 156 6.16 17.39 12.50
N THR A 157 5.65 18.22 11.60
CA THR A 157 4.35 18.02 10.92
C THR A 157 4.61 17.29 9.61
N ASP A 158 3.61 16.59 9.09
CA ASP A 158 3.77 15.84 7.81
C ASP A 158 3.84 16.85 6.67
N LYS A 159 4.39 16.44 5.54
CA LYS A 159 4.41 17.28 4.34
C LYS A 159 2.95 17.63 3.97
N CYS A 160 2.79 18.84 3.45
CA CYS A 160 1.48 19.50 3.31
C CYS A 160 1.58 20.22 1.98
N VAL A 161 0.57 20.11 1.14
CA VAL A 161 0.56 20.73 -0.20
C VAL A 161 -0.24 22.03 -0.14
N LEU A 162 0.43 23.06 -0.61
CA LEU A 162 0.06 24.48 -0.66
C LEU A 162 -0.16 24.78 -2.14
N ASP A 163 -1.21 25.51 -2.48
CA ASP A 163 -1.58 25.81 -3.89
C ASP A 163 -1.83 27.33 -4.04
N MET A 164 -0.83 28.07 -4.53
CA MET A 164 -0.97 29.53 -4.83
C MET A 164 -1.59 29.66 -6.22
N ARG A 165 -2.92 29.56 -6.31
CA ARG A 165 -3.72 29.36 -7.55
C ARG A 165 -3.42 30.47 -8.56
N SER A 166 -3.46 31.73 -8.13
CA SER A 166 -3.07 32.93 -8.91
C SER A 166 -1.80 32.69 -9.72
N MET A 167 -0.79 32.04 -9.13
CA MET A 167 0.56 31.86 -9.74
C MET A 167 0.71 30.47 -10.34
N ASP A 168 -0.35 29.65 -10.35
CA ASP A 168 -0.33 28.25 -10.87
C ASP A 168 0.95 27.57 -10.35
N PHE A 169 1.16 27.67 -9.03
CA PHE A 169 2.35 27.19 -8.31
C PHE A 169 1.89 26.39 -7.07
N LYS A 170 2.36 25.16 -6.96
CA LYS A 170 2.15 24.29 -5.77
C LYS A 170 3.51 24.11 -5.11
N SER A 171 3.55 23.94 -3.78
CA SER A 171 4.78 23.55 -3.06
C SER A 171 4.44 22.64 -1.88
N ASN A 172 5.35 21.73 -1.56
CA ASN A 172 5.33 20.92 -0.31
C ASN A 172 6.03 21.73 0.79
N SER A 173 5.61 21.50 2.03
CA SER A 173 6.30 22.05 3.22
C SER A 173 6.07 21.13 4.41
N ALA A 174 6.98 21.16 5.38
CA ALA A 174 6.81 20.57 6.72
C ALA A 174 7.33 21.57 7.76
N VAL A 175 6.74 21.57 8.94
CA VAL A 175 7.11 22.49 10.04
C VAL A 175 7.68 21.62 11.16
N ALA A 176 8.87 22.02 11.65
CA ALA A 176 9.49 21.52 12.89
C ALA A 176 9.65 22.69 13.83
N TRP A 177 9.38 22.46 15.10
CA TRP A 177 9.61 23.46 16.15
C TRP A 177 9.91 22.77 17.47
N SER A 178 10.46 23.55 18.39
CA SER A 178 10.99 23.12 19.71
C SER A 178 11.42 24.38 20.47
N ASN A 179 11.42 24.34 21.80
CA ASN A 179 12.04 25.42 22.61
C ASN A 179 13.35 24.89 23.21
N LYS A 180 13.82 23.71 22.79
CA LYS A 180 15.09 23.11 23.31
C LYS A 180 16.30 23.85 22.71
N SER A 181 17.34 24.03 23.53
CA SER A 181 18.58 24.81 23.21
C SER A 181 19.43 24.09 22.14
N ASP A 182 19.31 22.75 22.04
CA ASP A 182 20.07 21.95 21.04
C ASP A 182 19.32 21.86 19.72
N PHE A 183 18.08 22.36 19.62
CA PHE A 183 17.29 22.34 18.36
C PHE A 183 17.84 23.44 17.45
N ALA A 184 18.30 23.08 16.27
CA ALA A 184 18.69 24.04 15.23
C ALA A 184 17.98 23.62 13.94
N CYS A 185 17.82 24.53 12.99
CA CYS A 185 17.23 24.24 11.65
C CYS A 185 18.18 23.31 10.89
N ALA A 186 19.47 23.29 11.27
CA ALA A 186 20.49 22.40 10.68
C ALA A 186 20.13 20.96 11.01
N ASN A 187 19.68 20.64 12.24
CA ASN A 187 19.49 19.23 12.69
C ASN A 187 18.00 18.86 12.88
N ALA A 188 17.06 19.75 12.63
CA ALA A 188 15.60 19.54 12.86
C ALA A 188 15.07 18.31 12.10
N PHE A 189 15.39 18.19 10.81
CA PHE A 189 14.85 17.13 9.93
C PHE A 189 15.82 15.93 9.77
N ASN A 190 16.68 15.67 10.77
CA ASN A 190 17.72 14.59 10.76
C ASN A 190 17.08 13.22 10.63
N ASN A 191 15.87 13.02 11.17
CA ASN A 191 15.22 11.68 11.18
C ASN A 191 14.51 11.47 9.83
N SER A 192 14.64 12.40 8.86
CA SER A 192 14.11 12.31 7.47
C SER A 192 15.26 12.17 6.50
N ILE A 193 15.04 11.45 5.39
CA ILE A 193 15.94 11.45 4.21
C ILE A 193 15.57 12.66 3.35
N ILE A 194 16.37 13.71 3.42
CA ILE A 194 16.18 14.99 2.68
C ILE A 194 17.23 15.01 1.57
N PRO A 195 17.04 15.74 0.45
CA PRO A 195 18.10 15.91 -0.53
C PRO A 195 19.44 16.44 0.06
N GLU A 196 20.58 15.95 -0.41
CA GLU A 196 21.88 16.69 -0.31
C GLU A 196 21.78 17.73 -1.43
N ASP A 197 22.17 18.97 -1.18
CA ASP A 197 21.75 20.11 -2.03
C ASP A 197 20.48 20.75 -1.43
N THR A 198 19.92 20.22 -0.32
CA THR A 198 18.99 21.01 0.54
C THR A 198 19.73 22.27 1.05
N PHE A 199 19.12 23.45 0.84
CA PHE A 199 19.70 24.78 1.17
C PHE A 199 19.46 25.12 2.65
N PHE A 200 20.51 25.23 3.45
CA PHE A 200 20.48 25.76 4.83
C PHE A 200 21.13 27.13 4.87
N PRO A 201 20.36 28.24 4.83
CA PRO A 201 20.94 29.59 4.86
C PRO A 201 21.67 29.97 6.16
N SER A 202 22.49 31.04 6.09
CA SER A 202 23.12 31.79 7.22
C SER A 202 24.21 30.95 7.90
N GLY B 4 -30.91 20.43 2.99
CA GLY B 4 -30.16 19.15 3.26
C GLY B 4 -30.33 18.66 4.71
N VAL B 5 -29.28 18.06 5.26
CA VAL B 5 -29.23 17.43 6.59
C VAL B 5 -28.38 18.32 7.49
N THR B 6 -28.93 18.79 8.61
CA THR B 6 -28.18 19.55 9.64
C THR B 6 -28.22 18.78 10.96
N GLN B 7 -27.26 19.08 11.85
CA GLN B 7 -27.16 18.50 13.20
C GLN B 7 -26.70 19.55 14.19
N THR B 8 -27.15 19.43 15.44
CA THR B 8 -26.65 20.14 16.62
C THR B 8 -26.42 19.14 17.75
N PRO B 9 -25.41 19.37 18.62
CA PRO B 9 -24.38 20.39 18.38
C PRO B 9 -23.30 19.91 17.39
N LYS B 10 -22.34 20.76 17.03
CA LYS B 10 -21.18 20.41 16.17
C LYS B 10 -20.12 19.68 17.01
N PHE B 11 -19.98 20.09 18.26
CA PHE B 11 -18.89 19.70 19.20
C PHE B 11 -19.48 19.63 20.60
N ARG B 12 -18.99 18.70 21.41
CA ARG B 12 -19.39 18.62 22.83
C ARG B 12 -18.28 17.93 23.60
N VAL B 13 -17.93 18.50 24.75
CA VAL B 13 -17.20 17.81 25.86
C VAL B 13 -18.20 17.43 26.95
N LEU B 14 -18.17 16.18 27.41
CA LEU B 14 -18.96 15.65 28.55
C LEU B 14 -17.98 15.08 29.58
N LYS B 15 -18.30 15.22 30.86
CA LYS B 15 -17.80 14.34 31.93
C LYS B 15 -18.55 13.01 31.83
N THR B 16 -17.86 11.91 32.07
CA THR B 16 -18.45 10.58 32.30
C THR B 16 -19.67 10.73 33.23
N GLY B 17 -20.78 10.06 32.90
CA GLY B 17 -22.04 10.10 33.66
C GLY B 17 -23.02 11.12 33.13
N GLN B 18 -22.53 12.15 32.44
CA GLN B 18 -23.40 13.27 31.99
C GLN B 18 -24.24 12.81 30.80
N SER B 19 -25.29 13.57 30.49
CA SER B 19 -26.30 13.35 29.42
C SER B 19 -26.09 14.35 28.28
N MET B 20 -26.58 14.01 27.09
CA MET B 20 -26.72 14.98 25.99
C MET B 20 -27.63 14.38 24.94
N THR B 21 -28.11 15.24 24.08
CA THR B 21 -28.99 14.98 22.93
C THR B 21 -28.32 15.56 21.69
N LEU B 22 -28.40 14.83 20.59
CA LEU B 22 -27.99 15.30 19.24
C LEU B 22 -29.27 15.39 18.44
N LEU B 23 -29.48 16.52 17.77
CA LEU B 23 -30.67 16.65 16.91
C LEU B 23 -30.18 16.59 15.47
N CYS B 24 -30.83 15.75 14.70
CA CYS B 24 -30.71 15.76 13.22
C CYS B 24 -31.99 16.32 12.61
N ALA B 25 -31.87 17.22 11.64
CA ALA B 25 -33.03 17.75 10.90
C ALA B 25 -32.75 17.68 9.39
N GLN B 26 -33.79 17.35 8.62
CA GLN B 26 -33.78 17.44 7.15
C GLN B 26 -35.15 17.92 6.67
N ASP B 27 -35.16 18.78 5.64
CA ASP B 27 -36.38 19.30 4.98
C ASP B 27 -36.43 18.86 3.52
N MET B 28 -36.04 17.61 3.24
CA MET B 28 -35.98 17.04 1.87
C MET B 28 -37.08 15.97 1.75
N ASN B 29 -37.95 15.89 2.76
CA ASN B 29 -39.16 15.03 2.76
C ASN B 29 -38.72 13.57 2.74
N HIS B 30 -37.56 13.28 3.31
CA HIS B 30 -37.00 11.90 3.37
C HIS B 30 -37.76 11.11 4.43
N GLU B 31 -38.13 9.89 4.12
CA GLU B 31 -38.80 8.98 5.08
C GLU B 31 -37.75 8.37 6.00
N TYR B 32 -36.53 8.13 5.48
CA TYR B 32 -35.49 7.29 6.13
C TYR B 32 -34.41 8.17 6.76
N MET B 33 -34.12 7.96 8.04
CA MET B 33 -33.05 8.68 8.77
C MET B 33 -32.22 7.66 9.56
N TYR B 34 -30.94 7.97 9.73
CA TYR B 34 -29.88 7.07 10.24
C TYR B 34 -28.94 7.86 11.15
N TRP B 35 -28.50 7.25 12.24
CA TRP B 35 -27.43 7.75 13.13
C TRP B 35 -26.27 6.74 13.09
N TYR B 36 -25.08 7.24 12.75
CA TYR B 36 -23.80 6.51 12.58
C TYR B 36 -22.77 7.10 13.55
N ARG B 37 -21.83 6.29 13.98
CA ARG B 37 -20.59 6.75 14.64
C ARG B 37 -19.41 6.31 13.77
N GLN B 38 -18.39 7.16 13.67
CA GLN B 38 -17.16 6.91 12.90
C GLN B 38 -15.98 6.97 13.86
N ASP B 39 -15.17 5.91 13.89
CA ASP B 39 -13.95 5.81 14.74
C ASP B 39 -12.76 5.45 13.85
N PRO B 40 -11.51 5.86 14.19
CA PRO B 40 -10.34 5.49 13.38
C PRO B 40 -10.33 4.01 12.97
N GLY B 41 -10.09 3.75 11.67
CA GLY B 41 -9.77 2.43 11.11
C GLY B 41 -10.95 1.46 11.03
N MET B 42 -12.19 1.94 11.11
CA MET B 42 -13.38 1.11 10.82
C MET B 42 -14.43 1.90 10.03
N GLY B 43 -15.31 1.16 9.34
CA GLY B 43 -16.42 1.73 8.57
C GLY B 43 -17.34 2.51 9.49
N LEU B 44 -18.03 3.52 8.97
CA LEU B 44 -19.19 4.13 9.66
C LEU B 44 -19.99 2.97 10.23
N ARG B 45 -20.30 3.00 11.53
CA ARG B 45 -21.18 1.98 12.16
C ARG B 45 -22.54 2.62 12.47
N LEU B 46 -23.62 2.00 11.98
CA LEU B 46 -25.00 2.45 12.19
C LEU B 46 -25.40 2.13 13.61
N ILE B 47 -25.91 3.12 14.35
CA ILE B 47 -26.35 3.01 15.76
C ILE B 47 -27.84 2.65 15.78
N HIS B 48 -28.66 3.49 15.13
CA HIS B 48 -30.13 3.35 14.99
C HIS B 48 -30.54 3.97 13.67
N TYR B 49 -31.75 3.67 13.23
CA TYR B 49 -32.36 4.29 12.03
C TYR B 49 -33.88 4.32 12.23
N SER B 50 -34.57 5.02 11.34
CA SER B 50 -36.04 5.19 11.38
C SER B 50 -36.55 5.18 9.94
N VAL B 51 -37.63 4.42 9.72
CA VAL B 51 -38.26 4.14 8.41
C VAL B 51 -39.39 5.15 8.17
N GLY B 52 -39.73 5.93 9.19
CA GLY B 52 -40.80 6.94 9.16
C GLY B 52 -41.06 7.49 10.53
N GLU B 53 -41.82 8.57 10.60
CA GLU B 53 -42.24 9.27 11.84
C GLU B 53 -42.73 8.25 12.88
N GLY B 54 -42.36 8.44 14.14
CA GLY B 54 -42.86 7.65 15.29
C GLY B 54 -42.45 6.19 15.27
N THR B 55 -41.54 5.76 14.38
CA THR B 55 -40.91 4.40 14.42
C THR B 55 -39.38 4.55 14.39
N THR B 56 -38.65 3.67 15.06
CA THR B 56 -37.18 3.58 15.01
C THR B 56 -36.80 2.10 15.09
N ALA B 57 -35.56 1.76 14.71
CA ALA B 57 -35.02 0.37 14.71
C ALA B 57 -33.52 0.38 15.02
N LYS B 58 -33.04 -0.69 15.66
CA LYS B 58 -31.63 -0.84 16.10
C LYS B 58 -30.76 -1.05 14.86
N GLY B 59 -29.59 -0.41 14.82
CA GLY B 59 -28.54 -0.63 13.82
C GLY B 59 -27.52 -1.62 14.37
N GLU B 60 -26.27 -1.48 13.96
CA GLU B 60 -25.15 -2.41 14.30
C GLU B 60 -24.81 -2.27 15.80
N VAL B 61 -24.74 -1.03 16.31
CA VAL B 61 -24.16 -0.70 17.65
C VAL B 61 -25.11 0.16 18.46
N PRO B 62 -26.37 -0.32 18.67
CA PRO B 62 -27.38 0.47 19.36
C PRO B 62 -27.10 0.74 20.84
N ASP B 63 -26.23 -0.05 21.48
CA ASP B 63 -26.08 -0.08 22.96
C ASP B 63 -25.57 1.27 23.51
N GLY B 64 -26.27 1.79 24.51
CA GLY B 64 -25.90 3.04 25.19
C GLY B 64 -26.56 4.26 24.58
N TYR B 65 -27.36 4.08 23.53
CA TYR B 65 -28.00 5.21 22.81
C TYR B 65 -29.51 4.98 22.73
N ASN B 66 -30.27 6.06 22.85
CA ASN B 66 -31.72 6.04 22.50
C ASN B 66 -31.96 7.03 21.34
N VAL B 67 -33.06 6.81 20.60
CA VAL B 67 -33.51 7.67 19.49
C VAL B 67 -35.02 7.89 19.59
N SER B 68 -35.49 9.03 19.09
CA SER B 68 -36.92 9.27 18.79
C SER B 68 -37.00 10.01 17.46
N ARG B 69 -37.99 9.62 16.66
CA ARG B 69 -38.37 10.26 15.39
C ARG B 69 -39.68 11.00 15.65
N LEU B 70 -39.63 12.31 15.90
CA LEU B 70 -40.83 13.05 16.36
C LEU B 70 -41.77 13.23 15.16
N LYS B 71 -41.33 14.02 14.19
CA LYS B 71 -41.99 14.12 12.86
C LYS B 71 -41.02 13.50 11.85
N LYS B 72 -41.34 13.55 10.55
CA LYS B 72 -40.48 12.99 9.48
C LYS B 72 -39.20 13.82 9.38
N GLN B 73 -39.24 15.10 9.72
CA GLN B 73 -38.12 16.08 9.58
C GLN B 73 -37.01 15.92 10.65
N ASN B 74 -37.26 15.20 11.74
CA ASN B 74 -36.42 15.21 12.97
C ASN B 74 -36.05 13.81 13.40
N PHE B 75 -34.86 13.67 13.97
CA PHE B 75 -34.32 12.41 14.51
C PHE B 75 -33.36 12.79 15.64
N LEU B 76 -33.74 12.40 16.86
CA LEU B 76 -33.02 12.62 18.13
C LEU B 76 -32.18 11.38 18.45
N LEU B 77 -30.93 11.59 18.85
CA LEU B 77 -30.06 10.59 19.52
C LEU B 77 -29.74 11.07 20.94
N GLY B 78 -30.06 10.25 21.94
CA GLY B 78 -29.79 10.54 23.37
C GLY B 78 -28.68 9.66 23.91
N LEU B 79 -27.74 10.24 24.66
CA LEU B 79 -26.79 9.50 25.54
C LEU B 79 -27.18 9.81 27.00
N GLU B 80 -27.62 8.83 27.78
CA GLU B 80 -28.18 9.11 29.13
C GLU B 80 -27.08 9.06 30.19
N SER B 81 -26.01 8.28 29.98
CA SER B 81 -24.86 8.19 30.91
C SER B 81 -23.55 8.07 30.12
N ALA B 82 -22.93 9.18 29.74
CA ALA B 82 -21.81 9.20 28.77
C ALA B 82 -20.62 8.40 29.31
N ALA B 83 -20.08 7.53 28.46
CA ALA B 83 -18.89 6.68 28.73
C ALA B 83 -17.78 7.09 27.77
N PRO B 84 -16.48 7.05 28.17
CA PRO B 84 -15.38 7.40 27.28
C PRO B 84 -15.39 6.67 25.92
N SER B 85 -16.02 5.49 25.87
CA SER B 85 -16.18 4.67 24.66
C SER B 85 -17.07 5.38 23.63
N GLN B 86 -17.84 6.38 24.06
CA GLN B 86 -18.78 7.14 23.22
C GLN B 86 -18.08 8.36 22.62
N THR B 87 -16.80 8.59 22.97
CA THR B 87 -15.91 9.54 22.26
C THR B 87 -15.84 9.11 20.80
N SER B 88 -16.25 9.97 19.88
CA SER B 88 -16.48 9.60 18.46
C SER B 88 -17.04 10.79 17.69
N VAL B 89 -17.23 10.59 16.39
CA VAL B 89 -17.91 11.56 15.51
C VAL B 89 -19.22 10.91 15.10
N TYR B 90 -20.34 11.56 15.39
CA TYR B 90 -21.69 11.06 15.08
C TYR B 90 -22.19 11.76 13.82
N PHE B 91 -22.60 11.00 12.81
CA PHE B 91 -23.18 11.57 11.57
C PHE B 91 -24.61 11.08 11.52
N CYS B 92 -25.54 12.01 11.33
CA CYS B 92 -26.92 11.72 10.90
C CYS B 92 -26.94 11.62 9.36
N ALA B 93 -27.86 10.83 8.81
CA ALA B 93 -28.10 10.77 7.35
C ALA B 93 -29.60 10.56 7.06
N SER B 94 -30.04 10.95 5.86
CA SER B 94 -31.42 10.68 5.39
C SER B 94 -31.36 10.18 3.93
N SER B 95 -32.40 9.44 3.51
CA SER B 95 -32.59 8.99 2.11
C SER B 95 -34.05 9.09 1.71
N PHE B 96 -34.27 9.34 0.41
CA PHE B 96 -35.57 9.20 -0.30
C PHE B 96 -35.84 7.71 -0.43
N THR B 97 -34.88 6.96 -0.97
CA THR B 97 -34.88 5.47 -0.97
C THR B 97 -33.58 4.97 -0.35
N ASP B 98 -32.52 4.75 -1.17
CA ASP B 98 -31.28 4.07 -0.73
C ASP B 98 -30.11 5.07 -0.59
N THR B 99 -30.09 6.17 -1.33
CA THR B 99 -28.95 7.12 -1.37
C THR B 99 -28.98 8.01 -0.13
N GLN B 100 -27.95 7.91 0.72
CA GLN B 100 -27.87 8.60 2.01
C GLN B 100 -27.13 9.91 1.78
N TYR B 101 -27.66 11.01 2.33
CA TYR B 101 -26.99 12.33 2.41
C TYR B 101 -26.70 12.57 3.90
N PHE B 102 -25.46 12.97 4.20
CA PHE B 102 -24.91 13.03 5.57
C PHE B 102 -25.02 14.46 6.08
N GLY B 103 -25.40 14.60 7.36
CA GLY B 103 -25.15 15.85 8.09
C GLY B 103 -23.65 16.10 8.27
N PRO B 104 -23.28 17.27 8.85
CA PRO B 104 -21.87 17.64 9.03
C PRO B 104 -21.10 16.94 10.16
N GLY B 105 -21.80 16.23 11.04
CA GLY B 105 -21.18 15.45 12.12
C GLY B 105 -21.19 16.18 13.44
N THR B 106 -21.14 15.43 14.53
CA THR B 106 -20.97 15.91 15.91
C THR B 106 -19.76 15.24 16.52
N ARG B 107 -18.72 15.99 16.86
N ARG B 107 -18.71 15.99 16.85
CA ARG B 107 -17.53 15.47 17.58
CA ARG B 107 -17.53 15.47 17.58
C ARG B 107 -17.80 15.53 19.08
C ARG B 107 -17.80 15.53 19.08
N LEU B 108 -17.98 14.37 19.71
CA LEU B 108 -18.14 14.24 21.17
C LEU B 108 -16.83 13.71 21.74
N THR B 109 -16.30 14.36 22.77
CA THR B 109 -15.24 13.81 23.64
C THR B 109 -15.82 13.61 25.04
N VAL B 110 -15.74 12.38 25.56
CA VAL B 110 -16.15 12.08 26.95
C VAL B 110 -14.89 11.85 27.79
N LEU B 111 -14.76 12.61 28.90
CA LEU B 111 -13.58 12.63 29.78
C LEU B 111 -13.99 12.27 31.21
N GLU B 112 -13.14 11.56 31.94
CA GLU B 112 -13.24 11.36 33.41
C GLU B 112 -13.21 12.72 34.12
N ASP B 113 -12.37 13.65 33.65
CA ASP B 113 -12.09 14.92 34.36
C ASP B 113 -11.84 16.05 33.35
N LEU B 114 -12.57 17.15 33.51
CA LEU B 114 -12.58 18.29 32.55
C LEU B 114 -11.36 19.17 32.73
N LYS B 115 -10.49 18.89 33.70
CA LYS B 115 -9.27 19.69 34.00
C LYS B 115 -8.17 19.31 32.99
N ASN B 116 -8.42 18.31 32.14
CA ASN B 116 -7.57 17.94 30.99
C ASN B 116 -7.84 18.87 29.79
N VAL B 117 -8.92 19.66 29.83
CA VAL B 117 -9.33 20.52 28.71
C VAL B 117 -8.48 21.79 28.75
N PHE B 118 -7.85 22.14 27.63
CA PHE B 118 -7.08 23.39 27.46
C PHE B 118 -7.38 24.02 26.09
N PRO B 119 -7.55 25.35 26.02
CA PRO B 119 -7.70 26.02 24.74
C PRO B 119 -6.32 26.08 24.11
N PRO B 120 -6.25 26.36 22.79
CA PRO B 120 -4.96 26.52 22.15
C PRO B 120 -4.32 27.86 22.54
N GLU B 121 -3.01 27.87 22.71
CA GLU B 121 -2.18 29.07 22.51
C GLU B 121 -1.84 29.12 21.03
N VAL B 122 -1.95 30.29 20.43
CA VAL B 122 -1.80 30.50 18.97
C VAL B 122 -0.76 31.58 18.76
N ALA B 123 0.27 31.27 17.97
CA ALA B 123 1.36 32.20 17.59
C ALA B 123 1.55 32.13 16.07
N VAL B 124 1.83 33.27 15.47
CA VAL B 124 2.20 33.43 14.04
C VAL B 124 3.69 33.76 13.99
N PHE B 125 4.41 33.11 13.07
CA PHE B 125 5.86 33.28 12.85
C PHE B 125 6.02 33.87 11.44
N GLU B 126 6.81 34.93 11.37
CA GLU B 126 6.94 35.76 10.17
C GLU B 126 7.93 35.06 9.22
N PRO B 127 7.78 35.25 7.89
CA PRO B 127 8.67 34.65 6.92
C PRO B 127 10.17 34.92 7.14
N SER B 128 11.02 33.93 6.87
CA SER B 128 12.50 34.03 6.76
C SER B 128 12.84 35.07 5.70
N GLU B 129 13.82 35.95 5.94
CA GLU B 129 14.37 36.86 4.89
C GLU B 129 15.05 35.98 3.84
N ALA B 130 15.76 34.94 4.29
CA ALA B 130 16.45 33.92 3.48
C ALA B 130 15.47 33.35 2.44
N GLU B 131 14.24 32.99 2.85
CA GLU B 131 13.20 32.45 1.96
C GLU B 131 12.86 33.51 0.91
N ILE B 132 12.55 34.73 1.35
CA ILE B 132 12.12 35.84 0.45
C ILE B 132 13.20 36.07 -0.62
N SER B 133 14.47 36.13 -0.23
CA SER B 133 15.61 36.47 -1.12
C SER B 133 15.85 35.31 -2.08
N HIS B 134 15.72 34.07 -1.61
CA HIS B 134 15.94 32.83 -2.39
C HIS B 134 14.78 32.51 -3.33
N THR B 135 13.53 32.88 -3.01
CA THR B 135 12.30 32.39 -3.72
C THR B 135 11.44 33.55 -4.23
N GLN B 136 11.62 34.78 -3.75
CA GLN B 136 10.65 35.89 -3.95
C GLN B 136 9.26 35.47 -3.43
N LYS B 137 9.22 34.60 -2.39
CA LYS B 137 7.98 34.15 -1.72
C LYS B 137 8.16 34.18 -0.20
N ALA B 138 7.04 34.19 0.50
CA ALA B 138 6.97 34.45 1.94
C ALA B 138 5.94 33.53 2.57
N THR B 139 6.42 32.63 3.43
CA THR B 139 5.58 31.63 4.14
C THR B 139 5.44 32.09 5.60
N LEU B 140 4.21 32.42 6.00
CA LEU B 140 3.81 32.61 7.41
C LEU B 140 3.46 31.23 7.96
N VAL B 141 3.86 30.96 9.19
CA VAL B 141 3.45 29.75 9.90
C VAL B 141 2.61 30.15 11.11
N CYS B 142 1.52 29.43 11.32
CA CYS B 142 0.66 29.56 12.53
C CYS B 142 0.78 28.23 13.27
N LEU B 143 1.10 28.27 14.57
CA LEU B 143 1.05 27.10 15.48
C LEU B 143 -0.07 27.32 16.50
N ALA B 144 -0.99 26.36 16.56
CA ALA B 144 -1.94 26.17 17.68
C ALA B 144 -1.41 25.04 18.58
N THR B 145 -1.12 25.32 19.85
CA THR B 145 -0.38 24.42 20.76
C THR B 145 -1.05 24.33 22.13
N GLY B 146 -0.87 23.17 22.77
CA GLY B 146 -1.39 22.88 24.12
C GLY B 146 -2.89 22.72 24.20
N PHE B 147 -3.58 22.40 23.11
CA PHE B 147 -5.06 22.28 23.14
C PHE B 147 -5.47 20.83 23.36
N TYR B 148 -6.62 20.65 24.01
CA TYR B 148 -7.23 19.33 24.29
C TYR B 148 -8.69 19.57 24.67
N PRO B 149 -9.66 18.82 24.09
CA PRO B 149 -9.40 17.76 23.10
C PRO B 149 -9.08 18.30 21.69
N ASP B 150 -9.09 17.41 20.70
CA ASP B 150 -8.77 17.69 19.28
C ASP B 150 -9.99 18.35 18.61
N HIS B 151 -10.36 19.55 19.06
CA HIS B 151 -11.62 20.24 18.68
C HIS B 151 -11.26 21.66 18.21
N VAL B 152 -10.58 21.82 17.08
CA VAL B 152 -10.14 23.15 16.56
C VAL B 152 -10.52 23.30 15.09
N GLU B 153 -10.72 24.54 14.65
CA GLU B 153 -10.86 24.93 13.23
C GLU B 153 -9.92 26.12 13.06
N LEU B 154 -8.89 25.93 12.25
CA LEU B 154 -7.92 27.01 11.93
C LEU B 154 -8.30 27.60 10.59
N SER B 155 -8.37 28.93 10.51
CA SER B 155 -8.58 29.70 9.26
C SER B 155 -7.57 30.85 9.22
N TRP B 156 -7.15 31.23 8.01
CA TRP B 156 -6.38 32.46 7.77
C TRP B 156 -7.36 33.54 7.31
N TRP B 157 -7.11 34.77 7.76
CA TRP B 157 -7.84 35.99 7.34
C TRP B 157 -6.80 37.02 6.95
N VAL B 158 -6.84 37.44 5.70
CA VAL B 158 -5.90 38.47 5.17
C VAL B 158 -6.75 39.70 4.83
N ASN B 159 -6.35 40.85 5.37
CA ASN B 159 -7.05 42.15 5.21
C ASN B 159 -8.57 41.90 5.24
N GLY B 160 -9.03 41.13 6.23
CA GLY B 160 -10.46 41.02 6.58
C GLY B 160 -11.19 39.87 5.91
N LYS B 161 -10.54 39.15 4.96
CA LYS B 161 -11.18 38.12 4.10
C LYS B 161 -10.52 36.76 4.39
N GLU B 162 -11.35 35.73 4.64
CA GLU B 162 -10.87 34.34 4.84
C GLU B 162 -10.23 33.85 3.53
N VAL B 163 -9.01 33.33 3.58
CA VAL B 163 -8.29 32.87 2.36
C VAL B 163 -8.01 31.37 2.45
N HIS B 164 -8.02 30.70 1.29
CA HIS B 164 -7.70 29.26 1.11
C HIS B 164 -6.50 29.13 0.16
N SER B 165 -6.30 30.10 -0.73
CA SER B 165 -5.18 30.09 -1.72
C SER B 165 -3.88 30.29 -0.94
N GLY B 166 -2.86 29.47 -1.22
CA GLY B 166 -1.54 29.57 -0.59
C GLY B 166 -1.54 29.01 0.81
N VAL B 167 -2.60 28.30 1.20
CA VAL B 167 -2.81 27.78 2.58
C VAL B 167 -2.62 26.27 2.58
N CYS B 168 -2.00 25.75 3.63
CA CYS B 168 -2.03 24.32 3.95
C CYS B 168 -2.04 24.12 5.47
N THR B 169 -3.08 23.50 5.99
CA THR B 169 -3.25 23.18 7.41
C THR B 169 -3.07 21.68 7.57
N ASP B 170 -2.30 21.24 8.57
CA ASP B 170 -2.15 19.79 8.81
C ASP B 170 -3.56 19.20 8.84
N PRO B 171 -3.85 18.11 8.11
CA PRO B 171 -5.18 17.49 8.14
C PRO B 171 -5.57 16.93 9.51
N GLN B 172 -4.61 16.80 10.43
CA GLN B 172 -4.82 16.21 11.78
C GLN B 172 -3.71 16.71 12.70
N PRO B 173 -4.01 16.90 13.99
CA PRO B 173 -3.04 17.47 14.93
C PRO B 173 -2.01 16.44 15.38
N LEU B 174 -0.85 16.91 15.83
CA LEU B 174 0.23 16.18 16.53
C LEU B 174 -0.12 16.06 18.02
N LYS B 175 0.22 14.96 18.68
CA LYS B 175 0.28 14.89 20.17
C LYS B 175 1.58 15.55 20.61
N GLU B 176 1.54 16.37 21.66
CA GLU B 176 2.73 17.08 22.20
C GLU B 176 3.54 16.12 23.09
N GLN B 177 2.97 14.94 23.35
CA GLN B 177 3.56 13.83 24.14
C GLN B 177 2.88 12.56 23.67
N PRO B 178 3.32 11.94 22.54
CA PRO B 178 2.63 10.75 22.02
C PRO B 178 2.41 9.64 23.06
N ALA B 179 3.16 9.65 24.18
CA ALA B 179 3.17 8.65 25.26
C ALA B 179 1.88 8.70 26.09
N LEU B 180 1.67 9.81 26.80
CA LEU B 180 0.44 10.08 27.59
C LEU B 180 -0.78 9.83 26.69
N ASN B 181 -1.76 9.08 27.18
CA ASN B 181 -3.03 8.78 26.45
C ASN B 181 -3.80 10.09 26.22
N ASP B 182 -3.85 10.94 27.25
CA ASP B 182 -4.53 12.27 27.26
C ASP B 182 -3.50 13.36 26.93
N SER B 183 -2.72 13.16 25.85
CA SER B 183 -1.75 14.18 25.38
C SER B 183 -2.51 15.37 24.81
N ARG B 184 -2.08 16.59 25.16
CA ARG B 184 -2.47 17.86 24.49
C ARG B 184 -1.93 17.86 23.06
N TYR B 185 -2.46 18.73 22.20
CA TYR B 185 -2.23 18.65 20.73
C TYR B 185 -1.62 19.95 20.24
N ALA B 186 -1.04 19.86 19.06
CA ALA B 186 -0.55 21.01 18.28
C ALA B 186 -1.04 20.86 16.85
N LEU B 187 -1.25 21.97 16.17
CA LEU B 187 -1.69 22.00 14.76
C LEU B 187 -0.93 23.14 14.12
N SER B 188 -0.40 22.93 12.92
CA SER B 188 0.33 24.00 12.19
C SER B 188 -0.39 24.25 10.87
N SER B 189 -0.30 25.48 10.41
CA SER B 189 -0.79 25.90 9.11
C SER B 189 0.25 26.82 8.47
N ARG B 190 0.27 26.85 7.14
CA ARG B 190 1.13 27.78 6.37
C ARG B 190 0.21 28.62 5.50
N LEU B 191 0.58 29.87 5.37
CA LEU B 191 0.07 30.77 4.32
C LEU B 191 1.30 31.29 3.60
N ARG B 192 1.38 31.02 2.29
CA ARG B 192 2.50 31.47 1.46
C ARG B 192 1.98 32.56 0.52
N VAL B 193 2.67 33.68 0.53
CA VAL B 193 2.34 34.86 -0.33
C VAL B 193 3.62 35.31 -1.05
N SER B 194 3.46 36.07 -2.14
CA SER B 194 4.57 36.79 -2.81
C SER B 194 5.31 37.63 -1.76
N ALA B 195 6.63 37.73 -1.87
CA ALA B 195 7.49 38.55 -0.98
C ALA B 195 7.08 40.03 -1.07
N THR B 196 6.51 40.45 -2.21
CA THR B 196 6.06 41.86 -2.43
C THR B 196 4.86 42.09 -1.51
N PHE B 197 3.88 41.19 -1.55
CA PHE B 197 2.65 41.26 -0.70
C PHE B 197 3.04 41.29 0.78
N TRP B 198 4.00 40.45 1.19
CA TRP B 198 4.50 40.41 2.58
C TRP B 198 5.17 41.75 2.95
N GLN B 199 5.93 42.35 2.04
CA GLN B 199 6.79 43.54 2.33
C GLN B 199 5.95 44.83 2.46
N ASP B 200 4.69 44.81 2.00
CA ASP B 200 3.68 45.88 2.17
C ASP B 200 3.08 45.86 3.58
N PRO B 201 3.39 46.84 4.46
CA PRO B 201 2.82 46.86 5.82
C PRO B 201 1.33 47.22 5.88
N ARG B 202 0.71 47.58 4.75
CA ARG B 202 -0.76 47.76 4.64
C ARG B 202 -1.47 46.41 4.84
N ASN B 203 -0.72 45.30 4.97
CA ASN B 203 -1.28 43.93 4.87
C ASN B 203 -1.30 43.25 6.25
N HIS B 204 -2.51 42.85 6.66
CA HIS B 204 -2.84 42.30 8.00
C HIS B 204 -3.11 40.79 7.85
N PHE B 205 -2.24 39.97 8.42
CA PHE B 205 -2.35 38.49 8.43
C PHE B 205 -2.84 38.05 9.81
N ARG B 206 -3.96 37.34 9.83
CA ARG B 206 -4.55 36.83 11.09
C ARG B 206 -4.85 35.32 10.96
N CYS B 207 -4.30 34.56 11.90
CA CYS B 207 -4.56 33.12 12.11
C CYS B 207 -5.61 33.01 13.22
N GLN B 208 -6.78 32.46 12.88
CA GLN B 208 -7.97 32.33 13.74
C GLN B 208 -8.20 30.84 14.07
N VAL B 209 -8.20 30.49 15.35
CA VAL B 209 -8.36 29.10 15.81
C VAL B 209 -9.62 29.02 16.67
N GLN B 210 -10.70 28.52 16.11
CA GLN B 210 -11.91 28.23 16.88
C GLN B 210 -11.61 26.97 17.68
N PHE B 211 -11.69 27.07 19.00
CA PHE B 211 -11.58 25.93 19.94
C PHE B 211 -12.97 25.59 20.47
N TYR B 212 -13.31 24.30 20.56
CA TYR B 212 -14.56 23.85 21.22
C TYR B 212 -14.20 23.15 22.53
N GLY B 213 -14.58 23.76 23.64
CA GLY B 213 -14.25 23.31 25.01
C GLY B 213 -15.51 23.11 25.83
N LEU B 214 -15.49 23.66 27.05
CA LEU B 214 -16.61 23.55 28.02
C LEU B 214 -17.66 24.62 27.68
N SER B 215 -18.91 24.41 28.08
CA SER B 215 -19.98 25.44 28.12
C SER B 215 -19.69 26.37 29.29
N GLU B 216 -20.14 27.62 29.23
CA GLU B 216 -20.02 28.57 30.36
C GLU B 216 -20.75 27.94 31.56
N ASN B 217 -21.78 27.09 31.33
CA ASN B 217 -22.58 26.40 32.39
C ASN B 217 -21.72 25.44 33.23
N ASP B 218 -20.72 24.77 32.67
CA ASP B 218 -19.86 23.77 33.37
C ASP B 218 -19.18 24.37 34.60
N GLU B 219 -19.13 23.61 35.70
CA GLU B 219 -18.41 23.98 36.95
C GLU B 219 -16.91 24.08 36.64
N TRP B 220 -16.30 25.21 37.01
CA TRP B 220 -14.83 25.41 37.01
C TRP B 220 -14.39 26.04 38.34
N THR B 221 -13.49 25.36 39.07
CA THR B 221 -12.95 25.79 40.39
C THR B 221 -11.50 26.27 40.26
N GLN B 222 -10.74 25.74 39.29
CA GLN B 222 -9.28 25.93 39.13
C GLN B 222 -8.91 27.40 38.84
N ASP B 223 -7.66 27.76 39.15
CA ASP B 223 -7.10 29.14 39.03
C ASP B 223 -7.16 29.59 37.57
N ARG B 224 -6.64 28.77 36.65
CA ARG B 224 -6.54 29.16 35.21
C ARG B 224 -7.95 29.42 34.66
N ALA B 225 -8.04 30.30 33.66
CA ALA B 225 -9.29 30.63 32.94
C ALA B 225 -9.98 29.32 32.54
N LYS B 226 -11.27 29.22 32.83
CA LYS B 226 -12.16 28.13 32.36
C LYS B 226 -11.96 27.95 30.86
N PRO B 227 -11.63 26.72 30.38
CA PRO B 227 -11.37 26.47 28.96
C PRO B 227 -12.66 26.29 28.13
N VAL B 228 -13.39 27.39 27.95
CA VAL B 228 -14.70 27.41 27.24
C VAL B 228 -14.45 27.42 25.73
N THR B 229 -15.49 27.09 24.96
CA THR B 229 -15.55 27.35 23.51
C THR B 229 -15.12 28.80 23.32
N GLN B 230 -14.19 29.05 22.41
CA GLN B 230 -13.64 30.40 22.19
C GLN B 230 -12.83 30.41 20.92
N ILE B 231 -12.64 31.59 20.35
CA ILE B 231 -11.69 31.86 19.24
C ILE B 231 -10.42 32.50 19.82
N VAL B 232 -9.25 31.97 19.49
CA VAL B 232 -7.93 32.58 19.77
C VAL B 232 -7.31 32.99 18.44
N SER B 233 -6.86 34.23 18.31
CA SER B 233 -6.16 34.74 17.10
C SER B 233 -4.74 35.13 17.47
N ALA B 234 -3.87 35.11 16.47
CA ALA B 234 -2.55 35.78 16.48
C ALA B 234 -2.41 36.43 15.12
N GLU B 235 -1.71 37.56 15.06
CA GLU B 235 -1.69 38.36 13.82
C GLU B 235 -0.27 38.85 13.56
N ALA B 236 -0.04 39.25 12.33
CA ALA B 236 1.20 39.90 11.90
C ALA B 236 0.85 40.91 10.82
N TRP B 237 1.75 41.87 10.63
CA TRP B 237 1.66 42.89 9.55
C TRP B 237 2.88 42.70 8.67
N GLY B 238 2.75 42.95 7.36
CA GLY B 238 3.91 43.00 6.45
C GLY B 238 4.96 43.98 6.94
N ARG B 239 6.21 43.82 6.50
CA ARG B 239 7.33 44.76 6.80
C ARG B 239 8.36 44.65 5.67
N ALA B 240 9.24 45.66 5.48
CA ALA B 240 10.21 45.75 4.35
C ALA B 240 11.64 45.43 4.81
N LYS C 3 15.98 7.36 -6.70
CA LYS C 3 15.76 8.84 -6.77
C LYS C 3 15.19 9.24 -8.15
N GLU C 4 15.68 8.68 -9.26
CA GLU C 4 15.41 9.21 -10.62
C GLU C 4 14.14 8.59 -11.23
N VAL C 5 13.83 7.36 -10.87
CA VAL C 5 12.56 6.69 -11.26
C VAL C 5 11.94 6.15 -9.97
N GLU C 6 10.72 6.58 -9.65
CA GLU C 6 10.03 6.26 -8.38
C GLU C 6 8.76 5.48 -8.72
N GLN C 7 8.59 4.33 -8.06
CA GLN C 7 7.38 3.48 -8.05
C GLN C 7 7.07 3.09 -6.61
N ASN C 8 5.82 3.12 -6.17
CA ASN C 8 5.43 2.54 -4.86
C ASN C 8 5.71 1.02 -4.95
N SER C 9 6.37 0.45 -3.96
CA SER C 9 6.71 -1.00 -3.90
C SER C 9 5.43 -1.85 -3.90
N GLY C 10 4.34 -1.30 -3.35
CA GLY C 10 3.10 -2.07 -3.09
C GLY C 10 3.34 -3.01 -1.92
N PRO C 11 2.67 -4.18 -1.83
CA PRO C 11 1.90 -4.73 -2.92
C PRO C 11 0.62 -3.91 -3.18
N LEU C 12 0.23 -3.85 -4.44
CA LEU C 12 -1.08 -3.32 -4.89
C LEU C 12 -2.01 -4.52 -5.07
N SER C 13 -3.02 -4.63 -4.23
CA SER C 13 -4.03 -5.70 -4.31
C SER C 13 -5.21 -5.18 -5.12
N VAL C 14 -5.65 -5.92 -6.15
CA VAL C 14 -6.69 -5.54 -7.13
C VAL C 14 -7.61 -6.74 -7.28
N PRO C 15 -8.94 -6.55 -7.20
CA PRO C 15 -9.86 -7.68 -7.36
C PRO C 15 -9.90 -8.09 -8.83
N GLU C 16 -10.06 -9.38 -9.12
CA GLU C 16 -10.08 -9.85 -10.52
C GLU C 16 -11.32 -9.28 -11.23
N GLY C 17 -11.11 -8.90 -12.50
CA GLY C 17 -12.04 -8.16 -13.37
C GLY C 17 -11.79 -6.65 -13.33
N ALA C 18 -11.26 -6.11 -12.24
CA ALA C 18 -11.12 -4.65 -12.04
C ALA C 18 -9.92 -4.09 -12.83
N ILE C 19 -9.83 -2.79 -12.99
CA ILE C 19 -8.63 -2.14 -13.60
C ILE C 19 -7.55 -2.03 -12.53
N ALA C 20 -6.37 -2.57 -12.81
CA ALA C 20 -5.12 -2.33 -12.05
C ALA C 20 -4.40 -1.12 -12.63
N SER C 21 -4.02 -0.18 -11.77
CA SER C 21 -3.38 1.12 -12.12
C SER C 21 -1.99 1.17 -11.49
N LEU C 22 -0.94 1.15 -12.31
CA LEU C 22 0.48 1.28 -11.88
C LEU C 22 0.97 2.64 -12.36
N ASN C 23 1.59 3.42 -11.47
CA ASN C 23 2.14 4.75 -11.78
C ASN C 23 3.63 4.77 -11.51
N CYS C 24 4.30 5.63 -12.26
CA CYS C 24 5.77 5.82 -12.27
C CYS C 24 6.09 7.29 -12.47
N THR C 25 6.95 7.87 -11.63
CA THR C 25 7.38 9.29 -11.73
C THR C 25 8.89 9.29 -11.96
N TYR C 26 9.40 10.33 -12.63
CA TYR C 26 10.82 10.42 -12.99
C TYR C 26 11.20 11.89 -12.85
N SER C 27 12.43 12.17 -12.43
CA SER C 27 12.93 13.54 -12.12
C SER C 27 13.47 14.20 -13.40
N ASP C 28 13.98 13.44 -14.37
CA ASP C 28 14.57 13.99 -15.61
C ASP C 28 13.45 14.36 -16.58
N ARG C 29 13.11 15.66 -16.62
CA ARG C 29 12.07 16.30 -17.47
C ARG C 29 12.40 16.09 -18.96
N GLY C 30 13.68 15.88 -19.29
CA GLY C 30 14.13 15.66 -20.68
C GLY C 30 14.18 14.20 -21.08
N SER C 31 13.61 13.30 -20.27
CA SER C 31 13.50 11.83 -20.55
C SER C 31 12.72 11.62 -21.85
N GLN C 32 13.18 10.69 -22.70
CA GLN C 32 12.66 10.53 -24.08
C GLN C 32 11.91 9.21 -24.26
N SER C 33 12.30 8.15 -23.53
CA SER C 33 11.73 6.79 -23.72
C SER C 33 11.24 6.25 -22.36
N PHE C 34 10.15 5.50 -22.39
CA PHE C 34 9.43 5.02 -21.19
C PHE C 34 8.90 3.61 -21.49
N PHE C 35 9.15 2.68 -20.57
CA PHE C 35 8.91 1.24 -20.77
C PHE C 35 8.30 0.67 -19.49
N TRP C 36 7.38 -0.24 -19.72
CA TRP C 36 6.82 -1.16 -18.71
C TRP C 36 7.30 -2.58 -19.02
N TYR C 37 7.90 -3.19 -18.00
CA TYR C 37 8.32 -4.61 -17.98
C TYR C 37 7.53 -5.32 -16.88
N ARG C 38 7.15 -6.55 -17.17
CA ARG C 38 6.57 -7.48 -16.18
C ARG C 38 7.60 -8.54 -15.80
N GLN C 39 7.75 -8.80 -14.51
CA GLN C 39 8.66 -9.84 -13.99
C GLN C 39 7.90 -10.76 -13.02
N TYR C 40 7.62 -11.98 -13.46
CA TYR C 40 7.17 -13.08 -12.58
C TYR C 40 8.32 -13.49 -11.68
N SER C 41 7.96 -13.92 -10.47
CA SER C 41 8.92 -14.26 -9.41
C SER C 41 9.85 -15.33 -9.99
N GLY C 42 11.16 -15.17 -9.80
CA GLY C 42 12.22 -16.09 -10.26
C GLY C 42 12.42 -16.05 -11.77
N LYS C 43 11.86 -15.08 -12.51
CA LYS C 43 11.97 -15.05 -13.98
C LYS C 43 12.57 -13.71 -14.40
N SER C 44 12.63 -13.44 -15.70
CA SER C 44 13.32 -12.26 -16.26
C SER C 44 12.30 -11.20 -16.62
N PRO C 45 12.68 -9.91 -16.68
CA PRO C 45 11.78 -8.86 -17.14
C PRO C 45 11.35 -9.04 -18.62
N GLU C 46 10.04 -9.09 -18.88
CA GLU C 46 9.42 -9.13 -20.22
C GLU C 46 8.80 -7.77 -20.50
N LEU C 47 9.19 -7.14 -21.63
CA LEU C 47 8.60 -5.90 -22.17
C LEU C 47 7.10 -6.10 -22.41
N ILE C 48 6.30 -5.25 -21.79
CA ILE C 48 4.82 -5.20 -21.88
C ILE C 48 4.44 -4.06 -22.83
N MET C 49 5.05 -2.88 -22.67
CA MET C 49 4.71 -1.66 -23.43
C MET C 49 5.93 -0.73 -23.43
N SER C 50 6.09 -0.02 -24.54
CA SER C 50 6.99 1.15 -24.69
C SER C 50 6.10 2.33 -25.06
N ILE C 51 6.47 3.54 -24.63
CA ILE C 51 5.71 4.78 -24.98
C ILE C 51 6.69 5.95 -25.05
N TYR C 52 6.45 6.85 -26.00
CA TYR C 52 7.43 7.90 -26.40
C TYR C 52 6.77 9.29 -26.46
N SER C 53 5.49 9.36 -26.82
CA SER C 53 4.70 10.58 -27.04
C SER C 53 3.60 10.65 -25.97
N ASN C 54 3.34 11.87 -25.48
CA ASN C 54 2.22 12.18 -24.57
C ASN C 54 0.97 11.49 -25.07
N GLY C 55 0.14 10.98 -24.16
CA GLY C 55 -1.17 10.39 -24.52
C GLY C 55 -1.26 8.93 -24.15
N ASP C 56 -2.16 8.21 -24.82
CA ASP C 56 -2.52 6.83 -24.49
C ASP C 56 -2.02 5.93 -25.60
N LYS C 57 -1.58 4.73 -25.25
CA LYS C 57 -1.20 3.63 -26.15
C LYS C 57 -1.87 2.35 -25.63
N GLU C 58 -2.80 1.81 -26.41
CA GLU C 58 -3.59 0.61 -26.05
C GLU C 58 -2.96 -0.60 -26.75
N ASP C 59 -2.80 -1.71 -26.03
CA ASP C 59 -2.31 -2.99 -26.60
C ASP C 59 -2.98 -4.09 -25.82
N GLY C 60 -4.15 -4.55 -26.30
CA GLY C 60 -4.94 -5.61 -25.65
C GLY C 60 -5.58 -5.12 -24.37
N ARG C 61 -5.27 -5.73 -23.23
CA ARG C 61 -5.84 -5.31 -21.92
C ARG C 61 -4.97 -4.22 -21.30
N PHE C 62 -3.85 -3.86 -21.93
CA PHE C 62 -2.89 -2.88 -21.41
C PHE C 62 -3.14 -1.52 -22.04
N THR C 63 -3.01 -0.46 -21.21
CA THR C 63 -2.93 0.94 -21.65
C THR C 63 -1.80 1.63 -20.90
N ALA C 64 -0.81 2.09 -21.66
CA ALA C 64 0.25 2.98 -21.18
C ALA C 64 -0.26 4.40 -21.39
N GLN C 65 0.01 5.29 -20.44
CA GLN C 65 -0.35 6.71 -20.51
C GLN C 65 0.90 7.47 -20.10
N LEU C 66 1.32 8.38 -20.96
CA LEU C 66 2.51 9.22 -20.70
C LEU C 66 2.06 10.67 -20.61
N ASN C 67 2.58 11.39 -19.63
CA ASN C 67 2.36 12.85 -19.42
C ASN C 67 3.69 13.44 -19.00
N LYS C 68 4.39 14.09 -19.94
CA LYS C 68 5.77 14.60 -19.72
C LYS C 68 5.73 15.91 -18.94
N ALA C 69 4.60 16.62 -19.05
CA ALA C 69 4.34 17.88 -18.31
C ALA C 69 4.25 17.54 -16.83
N SER C 70 3.56 16.44 -16.46
CA SER C 70 3.34 16.05 -15.05
C SER C 70 4.40 15.04 -14.59
N GLN C 71 5.31 14.66 -15.47
CA GLN C 71 6.41 13.69 -15.20
C GLN C 71 5.91 12.38 -14.55
N TYR C 72 4.92 11.75 -15.15
CA TYR C 72 4.47 10.39 -14.75
C TYR C 72 4.32 9.56 -16.03
N VAL C 73 4.44 8.23 -15.89
CA VAL C 73 3.96 7.26 -16.90
C VAL C 73 3.13 6.23 -16.12
N SER C 74 2.02 5.77 -16.71
CA SER C 74 1.04 4.87 -16.09
C SER C 74 0.89 3.58 -16.91
N LEU C 75 0.49 2.51 -16.24
CA LEU C 75 -0.01 1.29 -16.90
C LEU C 75 -1.35 0.92 -16.26
N LEU C 76 -2.39 0.78 -17.08
CA LEU C 76 -3.71 0.25 -16.68
C LEU C 76 -3.82 -1.13 -17.25
N ILE C 77 -4.17 -2.09 -16.42
CA ILE C 77 -4.53 -3.44 -16.91
C ILE C 77 -6.05 -3.54 -16.74
N ARG C 78 -6.75 -3.61 -17.85
CA ARG C 78 -8.22 -3.79 -17.90
C ARG C 78 -8.46 -5.29 -17.64
N ASP C 79 -9.56 -5.64 -16.97
CA ASP C 79 -10.03 -7.04 -16.81
C ASP C 79 -8.96 -7.88 -16.10
N SER C 80 -8.37 -7.34 -15.03
CA SER C 80 -7.18 -7.92 -14.37
C SER C 80 -7.44 -9.39 -14.00
N GLN C 81 -6.43 -10.24 -14.16
CA GLN C 81 -6.51 -11.69 -13.89
C GLN C 81 -5.43 -12.04 -12.88
N PRO C 82 -5.60 -13.08 -12.04
CA PRO C 82 -4.54 -13.55 -11.16
C PRO C 82 -3.19 -13.76 -11.87
N SER C 83 -3.22 -14.20 -13.13
CA SER C 83 -2.00 -14.45 -13.96
C SER C 83 -1.26 -13.13 -14.23
N ASP C 84 -1.89 -11.98 -13.99
CA ASP C 84 -1.23 -10.64 -14.10
C ASP C 84 -0.37 -10.38 -12.86
N SER C 85 -0.54 -11.18 -11.81
CA SER C 85 0.22 -11.03 -10.54
C SER C 85 1.72 -11.19 -10.82
N ALA C 86 2.50 -10.14 -10.54
CA ALA C 86 3.91 -10.02 -10.95
C ALA C 86 4.44 -8.71 -10.39
N THR C 87 5.74 -8.45 -10.57
CA THR C 87 6.34 -7.12 -10.28
C THR C 87 6.40 -6.37 -11.61
N TYR C 88 5.92 -5.13 -11.64
CA TYR C 88 5.92 -4.30 -12.86
C TYR C 88 7.02 -3.26 -12.70
N LEU C 89 7.93 -3.21 -13.67
CA LEU C 89 9.11 -2.34 -13.63
C LEU C 89 8.90 -1.23 -14.67
N CYS C 90 9.03 -0.03 -14.19
CA CYS C 90 9.04 1.18 -15.01
C CYS C 90 10.50 1.48 -15.35
N ALA C 91 10.79 1.79 -16.62
CA ALA C 91 12.16 2.12 -17.04
C ALA C 91 12.11 3.36 -17.91
N VAL C 92 13.10 4.22 -17.74
CA VAL C 92 13.14 5.56 -18.38
C VAL C 92 14.53 5.78 -18.96
N ARG C 93 14.60 6.21 -20.21
CA ARG C 93 15.88 6.69 -20.80
C ARG C 93 15.94 8.18 -20.50
N GLY C 94 16.93 8.60 -19.71
CA GLY C 94 17.18 10.03 -19.40
C GLY C 94 17.81 10.80 -20.56
N THR C 95 18.07 12.08 -20.36
CA THR C 95 18.67 12.99 -21.37
C THR C 95 20.11 12.54 -21.63
N GLY C 96 20.46 12.28 -22.89
CA GLY C 96 21.84 12.02 -23.34
C GLY C 96 22.26 10.58 -23.11
N ARG C 97 21.88 9.98 -21.96
CA ARG C 97 22.19 8.57 -21.61
C ARG C 97 21.48 7.63 -22.62
N ARG C 98 22.12 6.50 -22.96
CA ARG C 98 21.63 5.50 -23.94
C ARG C 98 20.96 4.35 -23.16
N ALA C 99 21.58 3.91 -22.05
CA ALA C 99 21.05 2.93 -21.06
C ALA C 99 19.89 3.50 -20.22
N LEU C 100 18.99 2.61 -19.81
CA LEU C 100 17.75 2.94 -19.05
C LEU C 100 18.13 3.05 -17.56
N THR C 101 17.39 3.86 -16.80
CA THR C 101 17.27 3.72 -15.34
C THR C 101 15.95 2.99 -15.04
N PHE C 102 16.04 1.95 -14.22
CA PHE C 102 14.91 1.07 -13.84
C PHE C 102 14.39 1.47 -12.46
N GLY C 103 13.08 1.64 -12.34
CA GLY C 103 12.43 1.73 -11.03
C GLY C 103 12.57 0.41 -10.29
N SER C 104 12.38 0.41 -8.98
CA SER C 104 12.46 -0.79 -8.13
C SER C 104 11.14 -1.58 -8.17
N GLY C 105 10.16 -1.12 -8.94
CA GLY C 105 9.04 -2.01 -9.31
C GLY C 105 7.88 -1.92 -8.34
N THR C 106 6.69 -2.23 -8.84
CA THR C 106 5.45 -2.32 -8.03
C THR C 106 4.95 -3.76 -8.11
N ARG C 107 4.84 -4.44 -6.98
CA ARG C 107 4.24 -5.79 -6.97
C ARG C 107 2.73 -5.65 -7.05
N LEU C 108 2.12 -6.26 -8.06
CA LEU C 108 0.63 -6.33 -8.24
C LEU C 108 0.15 -7.72 -7.80
N GLN C 109 -0.87 -7.77 -6.94
CA GLN C 109 -1.60 -9.03 -6.62
C GLN C 109 -3.06 -8.91 -7.05
N VAL C 110 -3.47 -9.75 -7.99
CA VAL C 110 -4.88 -9.80 -8.44
C VAL C 110 -5.54 -10.94 -7.68
N GLN C 111 -6.52 -10.60 -6.84
CA GLN C 111 -7.17 -11.59 -5.93
C GLN C 111 -8.34 -12.18 -6.68
N PRO C 112 -8.41 -13.52 -6.83
CA PRO C 112 -9.56 -14.14 -7.49
C PRO C 112 -10.85 -13.87 -6.72
N ASN C 113 -11.97 -13.82 -7.43
CA ASN C 113 -13.32 -13.77 -6.80
C ASN C 113 -13.75 -15.21 -6.54
N ILE C 114 -13.84 -15.60 -5.27
CA ILE C 114 -14.34 -16.92 -4.82
C ILE C 114 -15.86 -16.83 -4.73
N GLN C 115 -16.58 -17.19 -5.78
CA GLN C 115 -18.07 -17.16 -5.86
C GLN C 115 -18.65 -17.84 -4.59
N ASN C 116 -18.29 -19.10 -4.32
CA ASN C 116 -18.86 -19.89 -3.21
C ASN C 116 -17.74 -20.37 -2.30
N PRO C 117 -17.25 -19.55 -1.35
CA PRO C 117 -16.21 -19.98 -0.43
C PRO C 117 -16.62 -21.29 0.27
N ASP C 118 -15.67 -22.21 0.40
CA ASP C 118 -15.88 -23.50 1.10
C ASP C 118 -14.66 -23.77 1.98
N PRO C 119 -14.34 -22.87 2.92
CA PRO C 119 -13.08 -22.95 3.67
C PRO C 119 -13.02 -24.25 4.48
N ALA C 120 -11.89 -24.93 4.37
CA ALA C 120 -11.60 -26.24 4.98
C ALA C 120 -10.10 -26.37 5.25
N VAL C 121 -9.76 -27.17 6.26
CA VAL C 121 -8.38 -27.64 6.53
C VAL C 121 -8.38 -29.17 6.39
N TYR C 122 -7.60 -29.70 5.45
CA TYR C 122 -7.52 -31.15 5.15
C TYR C 122 -6.15 -31.66 5.61
N GLN C 123 -6.07 -32.93 6.04
CA GLN C 123 -4.77 -33.62 6.30
C GLN C 123 -4.44 -34.51 5.09
N LEU C 124 -3.24 -34.34 4.52
CA LEU C 124 -2.67 -35.18 3.41
C LEU C 124 -1.49 -36.01 3.95
N ARG C 125 -1.45 -37.29 3.57
CA ARG C 125 -0.41 -38.27 4.00
C ARG C 125 0.52 -38.49 2.79
N ASP C 126 1.80 -38.71 3.08
CA ASP C 126 2.87 -38.94 2.07
C ASP C 126 2.48 -40.21 1.31
N SER C 127 2.57 -40.17 -0.02
CA SER C 127 2.32 -41.31 -0.95
C SER C 127 3.28 -42.46 -0.64
N LYS C 128 4.51 -42.16 -0.19
CA LYS C 128 5.43 -43.14 0.46
C LYS C 128 5.06 -43.17 1.95
N SER C 129 4.08 -44.02 2.29
CA SER C 129 3.22 -43.92 3.50
C SER C 129 4.07 -44.01 4.79
N SER C 130 3.97 -42.99 5.65
CA SER C 130 4.71 -42.87 6.92
C SER C 130 3.84 -42.21 7.99
N ASP C 131 4.47 -41.76 9.07
CA ASP C 131 3.95 -40.73 10.01
C ASP C 131 3.67 -39.43 9.26
N LYS C 132 4.17 -39.27 8.02
CA LYS C 132 4.48 -37.96 7.39
C LYS C 132 3.21 -37.39 6.73
N SER C 133 2.86 -36.15 7.11
CA SER C 133 1.61 -35.45 6.69
C SER C 133 1.86 -33.94 6.52
N VAL C 134 1.03 -33.30 5.70
CA VAL C 134 0.92 -31.82 5.57
C VAL C 134 -0.54 -31.46 5.84
N CYS C 135 -0.79 -30.20 6.17
CA CYS C 135 -2.14 -29.60 6.37
C CYS C 135 -2.42 -28.61 5.27
N LEU C 136 -3.53 -28.78 4.56
CA LEU C 136 -4.00 -27.89 3.48
C LEU C 136 -5.22 -27.09 3.94
N PHE C 137 -5.08 -25.77 4.08
CA PHE C 137 -6.20 -24.81 4.18
C PHE C 137 -6.53 -24.35 2.74
N THR C 138 -7.78 -24.52 2.31
CA THR C 138 -8.18 -24.32 0.91
C THR C 138 -9.62 -23.77 0.81
N ASP C 139 -9.94 -23.14 -0.34
CA ASP C 139 -11.33 -22.76 -0.77
C ASP C 139 -11.82 -21.60 0.11
N PHE C 140 -10.88 -20.88 0.72
CA PHE C 140 -11.15 -19.65 1.46
C PHE C 140 -11.24 -18.48 0.49
N ASP C 141 -11.98 -17.46 0.93
CA ASP C 141 -12.21 -16.14 0.31
C ASP C 141 -10.87 -15.42 0.26
N SER C 142 -10.63 -14.64 -0.79
CA SER C 142 -9.34 -13.93 -1.02
C SER C 142 -9.08 -12.84 0.05
N GLN C 143 -10.09 -12.49 0.85
CA GLN C 143 -9.95 -11.51 1.97
C GLN C 143 -9.26 -12.20 3.14
N THR C 144 -9.25 -13.54 3.21
CA THR C 144 -8.63 -14.31 4.30
C THR C 144 -7.11 -14.23 4.09
N ASN C 145 -6.36 -13.98 5.16
CA ASN C 145 -4.88 -13.93 5.13
C ASN C 145 -4.35 -14.98 6.09
N VAL C 146 -3.20 -15.54 5.73
CA VAL C 146 -2.61 -16.67 6.49
C VAL C 146 -1.30 -16.17 7.11
N SER C 147 -1.20 -16.23 8.43
CA SER C 147 0.00 -15.82 9.20
C SER C 147 0.96 -17.00 9.30
N GLN C 148 2.25 -16.69 9.41
CA GLN C 148 3.31 -17.66 9.77
C GLN C 148 3.02 -18.07 11.21
N SER C 149 3.51 -19.22 11.67
CA SER C 149 3.31 -19.67 13.07
C SER C 149 4.32 -18.97 13.99
N LYS C 150 4.05 -18.98 15.30
CA LYS C 150 5.01 -18.62 16.36
C LYS C 150 5.74 -19.87 16.85
N ASP C 151 5.62 -21.00 16.13
CA ASP C 151 6.14 -22.33 16.60
C ASP C 151 7.40 -22.69 15.80
N SER C 152 8.45 -23.09 16.49
CA SER C 152 9.83 -23.35 15.99
C SER C 152 9.82 -24.10 14.64
N ASP C 153 9.43 -25.38 14.65
CA ASP C 153 9.55 -26.28 13.45
C ASP C 153 8.16 -26.46 12.84
N VAL C 154 7.37 -25.37 12.82
CA VAL C 154 6.08 -25.34 12.06
C VAL C 154 6.24 -24.38 10.89
N TYR C 155 6.01 -24.87 9.68
CA TYR C 155 6.19 -24.14 8.41
C TYR C 155 4.80 -23.91 7.82
N ILE C 156 4.40 -22.64 7.70
CA ILE C 156 3.17 -22.28 6.97
C ILE C 156 3.59 -21.48 5.73
N THR C 157 2.96 -21.80 4.59
CA THR C 157 3.20 -21.14 3.29
C THR C 157 2.23 -19.97 3.18
N ASP C 158 2.57 -18.99 2.33
CA ASP C 158 1.65 -17.91 1.94
C ASP C 158 0.54 -18.52 1.09
N LYS C 159 -0.61 -17.87 1.07
CA LYS C 159 -1.73 -18.29 0.19
C LYS C 159 -1.25 -18.20 -1.26
N CYS C 160 -1.80 -19.07 -2.11
CA CYS C 160 -1.40 -19.19 -3.51
C CYS C 160 -2.68 -19.48 -4.31
N VAL C 161 -2.79 -18.94 -5.51
CA VAL C 161 -3.99 -19.10 -6.37
C VAL C 161 -3.72 -20.17 -7.44
N LEU C 162 -4.64 -21.12 -7.48
CA LEU C 162 -4.74 -22.31 -8.35
C LEU C 162 -5.88 -22.06 -9.36
N ASP C 163 -5.69 -22.35 -10.64
CA ASP C 163 -6.69 -22.11 -11.71
C ASP C 163 -6.93 -23.39 -12.52
N MET C 164 -8.03 -24.12 -12.24
CA MET C 164 -8.45 -25.32 -12.99
C MET C 164 -9.23 -24.87 -14.23
N ARG C 165 -8.52 -24.48 -15.30
CA ARG C 165 -9.06 -23.72 -16.47
C ARG C 165 -10.25 -24.46 -17.09
N SER C 166 -10.12 -25.76 -17.35
CA SER C 166 -11.19 -26.64 -17.88
C SER C 166 -12.50 -26.42 -17.11
N MET C 167 -12.45 -26.23 -15.78
CA MET C 167 -13.65 -26.12 -14.92
C MET C 167 -14.00 -24.66 -14.61
N ASP C 168 -13.26 -23.70 -15.18
CA ASP C 168 -13.42 -22.24 -14.90
C ASP C 168 -13.61 -22.06 -13.39
N PHE C 169 -12.71 -22.66 -12.62
CA PHE C 169 -12.69 -22.67 -11.14
C PHE C 169 -11.29 -22.27 -10.65
N LYS C 170 -11.21 -21.25 -9.81
CA LYS C 170 -9.97 -20.86 -9.08
C LYS C 170 -10.18 -21.18 -7.60
N SER C 171 -9.12 -21.47 -6.87
CA SER C 171 -9.14 -21.61 -5.39
C SER C 171 -7.83 -21.09 -4.79
N ASN C 172 -7.90 -20.55 -3.58
CA ASN C 172 -6.73 -20.20 -2.74
C ASN C 172 -6.37 -21.41 -1.89
N SER C 173 -5.09 -21.53 -1.53
CA SER C 173 -4.61 -22.57 -0.58
C SER C 173 -3.35 -22.11 0.13
N ALA C 174 -3.14 -22.63 1.34
CA ALA C 174 -1.91 -22.50 2.16
C ALA C 174 -1.57 -23.88 2.73
N VAL C 175 -0.29 -24.17 2.87
CA VAL C 175 0.22 -25.46 3.38
C VAL C 175 0.93 -25.16 4.71
N ALA C 176 0.58 -25.93 5.74
CA ALA C 176 1.31 -26.03 7.03
C ALA C 176 1.82 -27.47 7.17
N TRP C 177 3.04 -27.62 7.67
CA TRP C 177 3.61 -28.93 8.03
C TRP C 177 4.63 -28.73 9.15
N SER C 178 5.06 -29.82 9.80
CA SER C 178 6.05 -29.80 10.90
C SER C 178 7.07 -30.91 10.69
N ASN C 179 8.29 -30.72 11.19
CA ASN C 179 9.34 -31.77 11.31
C ASN C 179 9.08 -32.63 12.55
N LYS C 180 8.13 -32.24 13.40
CA LYS C 180 7.59 -33.03 14.54
C LYS C 180 6.51 -34.00 14.05
N SER C 181 6.32 -35.10 14.77
CA SER C 181 5.39 -36.21 14.43
C SER C 181 3.98 -35.92 14.95
N ASP C 182 2.96 -36.42 14.22
CA ASP C 182 1.51 -36.39 14.53
C ASP C 182 1.08 -34.92 14.69
N PHE C 183 1.47 -34.05 13.78
CA PHE C 183 1.15 -32.60 13.84
C PHE C 183 -0.31 -32.41 13.44
N ALA C 184 -1.15 -31.91 14.34
CA ALA C 184 -2.61 -31.87 14.14
C ALA C 184 -2.97 -30.68 13.23
N CYS C 185 -3.80 -30.91 12.22
CA CYS C 185 -4.15 -29.88 11.20
C CYS C 185 -5.16 -28.89 11.82
N ALA C 186 -5.93 -29.34 12.81
CA ALA C 186 -7.10 -28.61 13.34
C ALA C 186 -6.65 -27.29 13.95
N ASN C 187 -5.51 -27.25 14.63
CA ASN C 187 -4.98 -26.07 15.35
C ASN C 187 -3.71 -25.52 14.67
N ALA C 188 -3.31 -26.07 13.50
CA ALA C 188 -2.18 -25.60 12.65
C ALA C 188 -2.31 -24.10 12.34
N PHE C 189 -3.49 -23.62 11.92
CA PHE C 189 -3.70 -22.23 11.46
C PHE C 189 -4.29 -21.33 12.57
N ASN C 190 -4.04 -21.64 13.85
CA ASN C 190 -4.53 -20.88 15.04
C ASN C 190 -4.06 -19.42 15.00
N ASN C 191 -2.87 -19.15 14.48
CA ASN C 191 -2.29 -17.78 14.46
C ASN C 191 -2.90 -16.96 13.32
N SER C 192 -3.83 -17.54 12.53
CA SER C 192 -4.56 -16.87 11.42
C SER C 192 -6.01 -16.66 11.84
N ILE C 193 -6.62 -15.58 11.33
CA ILE C 193 -8.08 -15.33 11.39
C ILE C 193 -8.72 -16.11 10.23
N ILE C 194 -9.28 -17.28 10.55
CA ILE C 194 -9.93 -18.20 9.59
C ILE C 194 -11.42 -18.09 9.83
N PRO C 195 -12.24 -18.25 8.79
CA PRO C 195 -13.70 -18.21 8.97
C PRO C 195 -14.23 -19.13 10.07
N GLU C 196 -15.26 -18.68 10.79
CA GLU C 196 -16.00 -19.42 11.84
C GLU C 196 -16.64 -20.67 11.23
N ASP C 197 -16.92 -20.66 9.92
CA ASP C 197 -17.63 -21.76 9.23
C ASP C 197 -16.61 -22.67 8.55
N THR C 198 -15.34 -22.58 8.91
CA THR C 198 -14.24 -23.41 8.35
C THR C 198 -14.54 -24.89 8.68
N PHE C 199 -14.48 -25.73 7.65
CA PHE C 199 -14.77 -27.20 7.75
C PHE C 199 -13.52 -27.95 8.24
N PHE C 200 -13.60 -28.53 9.44
CA PHE C 200 -12.57 -29.44 9.99
C PHE C 200 -13.10 -30.87 9.99
N PRO C 201 -12.79 -31.71 8.96
CA PRO C 201 -13.30 -33.09 8.91
C PRO C 201 -12.79 -34.00 10.04
N SER C 202 -13.56 -35.06 10.31
CA SER C 202 -13.32 -36.13 11.34
C SER C 202 -13.62 -35.61 12.74
N GLY D 4 16.01 -15.34 -28.86
CA GLY D 4 16.33 -13.95 -28.34
C GLY D 4 17.65 -13.91 -27.57
N VAL D 5 17.69 -13.17 -26.47
CA VAL D 5 18.87 -13.09 -25.54
C VAL D 5 18.99 -14.40 -24.74
N THR D 6 20.14 -15.07 -24.84
CA THR D 6 20.40 -16.28 -24.04
C THR D 6 21.64 -16.01 -23.17
N GLN D 7 21.72 -16.72 -22.05
CA GLN D 7 22.87 -16.63 -21.10
C GLN D 7 23.19 -18.05 -20.65
N THR D 8 24.43 -18.24 -20.27
CA THR D 8 24.96 -19.45 -19.58
C THR D 8 25.95 -18.98 -18.52
N PRO D 9 25.99 -19.61 -17.32
CA PRO D 9 25.02 -20.65 -16.94
C PRO D 9 23.70 -20.03 -16.45
N LYS D 10 22.72 -20.86 -16.10
CA LYS D 10 21.44 -20.42 -15.46
C LYS D 10 21.70 -20.19 -13.96
N PHE D 11 22.57 -21.02 -13.36
CA PHE D 11 22.79 -21.11 -11.90
C PHE D 11 24.26 -21.45 -11.63
N ARG D 12 24.82 -20.93 -10.54
CA ARG D 12 26.20 -21.26 -10.14
C ARG D 12 26.36 -21.05 -8.63
N VAL D 13 26.99 -22.01 -7.96
CA VAL D 13 27.54 -21.89 -6.58
C VAL D 13 29.07 -21.76 -6.70
N LEU D 14 29.65 -20.76 -6.05
CA LEU D 14 31.10 -20.52 -5.95
C LEU D 14 31.48 -20.43 -4.47
N LYS D 15 32.66 -20.95 -4.12
CA LYS D 15 33.38 -20.60 -2.87
C LYS D 15 33.98 -19.20 -3.08
N THR D 16 33.99 -18.39 -2.04
CA THR D 16 34.77 -17.13 -1.96
C THR D 16 36.17 -17.36 -2.53
N GLY D 17 36.68 -16.43 -3.35
CA GLY D 17 37.98 -16.53 -4.02
C GLY D 17 37.90 -17.16 -5.41
N GLN D 18 36.90 -17.99 -5.69
CA GLN D 18 36.82 -18.72 -6.98
C GLN D 18 36.41 -17.76 -8.11
N SER D 19 36.64 -18.18 -9.36
CA SER D 19 36.35 -17.45 -10.62
C SER D 19 35.13 -18.06 -11.33
N MET D 20 34.44 -17.28 -12.13
CA MET D 20 33.50 -17.82 -13.15
C MET D 20 33.31 -16.74 -14.22
N THR D 21 32.74 -17.17 -15.34
CA THR D 21 32.36 -16.36 -16.50
C THR D 21 30.86 -16.60 -16.77
N LEU D 22 30.15 -15.55 -17.15
CA LEU D 22 28.75 -15.62 -17.64
C LEU D 22 28.80 -15.20 -19.10
N LEU D 23 28.20 -15.98 -19.98
CA LEU D 23 28.17 -15.59 -21.41
C LEU D 23 26.75 -15.14 -21.73
N CYS D 24 26.65 -13.97 -22.31
CA CYS D 24 25.42 -13.51 -22.96
C CYS D 24 25.55 -13.59 -24.48
N ALA D 25 24.53 -14.07 -25.18
CA ALA D 25 24.53 -14.18 -26.65
C ALA D 25 23.17 -13.72 -27.18
N GLN D 26 23.19 -13.10 -28.35
CA GLN D 26 21.99 -12.75 -29.14
C GLN D 26 22.40 -12.78 -30.61
N ASP D 27 21.51 -13.26 -31.48
CA ASP D 27 21.65 -13.20 -32.96
C ASP D 27 20.51 -12.38 -33.56
N MET D 28 20.23 -11.21 -32.96
CA MET D 28 19.17 -10.27 -33.39
C MET D 28 19.85 -9.00 -33.92
N ASN D 29 21.17 -9.07 -34.09
CA ASN D 29 21.98 -8.00 -34.73
C ASN D 29 21.96 -6.75 -33.85
N HIS D 30 21.81 -6.92 -32.53
CA HIS D 30 21.81 -5.75 -31.60
C HIS D 30 23.24 -5.25 -31.40
N GLU D 31 23.43 -3.93 -31.48
CA GLU D 31 24.74 -3.28 -31.25
C GLU D 31 25.03 -3.17 -29.76
N TYR D 32 24.00 -2.94 -28.95
CA TYR D 32 24.10 -2.52 -27.52
C TYR D 32 23.81 -3.72 -26.62
N MET D 33 24.74 -4.01 -25.70
CA MET D 33 24.59 -5.12 -24.73
C MET D 33 24.96 -4.58 -23.34
N TYR D 34 24.29 -5.12 -22.32
CA TYR D 34 24.29 -4.63 -20.92
C TYR D 34 24.32 -5.84 -19.98
N TRP D 35 25.06 -5.69 -18.89
CA TRP D 35 25.03 -6.63 -17.75
C TRP D 35 24.50 -5.89 -16.52
N TYR D 36 23.44 -6.43 -15.93
CA TYR D 36 22.76 -5.90 -14.73
C TYR D 36 22.86 -6.97 -13.64
N ARG D 37 22.82 -6.51 -12.39
CA ARG D 37 22.50 -7.36 -11.23
C ARG D 37 21.20 -6.84 -10.61
N GLN D 38 20.40 -7.76 -10.09
CA GLN D 38 19.10 -7.46 -9.44
C GLN D 38 19.17 -8.01 -8.00
N ASP D 39 18.94 -7.15 -7.02
CA ASP D 39 18.97 -7.51 -5.58
C ASP D 39 17.66 -7.06 -4.95
N PRO D 40 17.12 -7.79 -3.93
CA PRO D 40 15.88 -7.37 -3.27
C PRO D 40 15.84 -5.86 -2.98
N GLY D 41 14.71 -5.22 -3.35
CA GLY D 41 14.32 -3.86 -2.94
C GLY D 41 15.12 -2.75 -3.60
N MET D 42 15.79 -3.01 -4.73
CA MET D 42 16.39 -1.92 -5.57
C MET D 42 16.22 -2.23 -7.06
N GLY D 43 16.29 -1.20 -7.89
CA GLY D 43 16.21 -1.32 -9.35
C GLY D 43 17.35 -2.19 -9.86
N LEU D 44 17.16 -2.85 -11.00
CA LEU D 44 18.27 -3.43 -11.77
C LEU D 44 19.42 -2.42 -11.75
N ARG D 45 20.60 -2.82 -11.33
CA ARG D 45 21.80 -1.95 -11.38
C ARG D 45 22.74 -2.43 -12.50
N LEU D 46 23.11 -1.52 -13.39
CA LEU D 46 23.97 -1.78 -14.55
C LEU D 46 25.40 -1.91 -14.06
N ILE D 47 26.07 -3.00 -14.44
CA ILE D 47 27.46 -3.33 -14.02
C ILE D 47 28.43 -2.78 -15.06
N HIS D 48 28.23 -3.19 -16.32
CA HIS D 48 28.99 -2.76 -17.51
C HIS D 48 28.04 -2.84 -18.71
N TYR D 49 28.43 -2.22 -19.83
CA TYR D 49 27.68 -2.30 -21.10
C TYR D 49 28.69 -2.16 -22.25
N SER D 50 28.21 -2.39 -23.48
CA SER D 50 29.03 -2.30 -24.72
C SER D 50 28.18 -1.75 -25.85
N VAL D 51 28.73 -0.76 -26.58
CA VAL D 51 28.00 -0.03 -27.68
C VAL D 51 28.34 -0.67 -29.02
N GLY D 52 29.23 -1.65 -29.03
CA GLY D 52 29.66 -2.40 -30.22
C GLY D 52 30.84 -3.31 -29.91
N GLU D 53 31.16 -4.20 -30.86
CA GLU D 53 32.23 -5.22 -30.75
C GLU D 53 33.53 -4.54 -30.27
N GLY D 54 34.27 -5.21 -29.38
CA GLY D 54 35.61 -4.79 -28.90
C GLY D 54 35.64 -3.47 -28.14
N THR D 55 34.49 -2.91 -27.75
CA THR D 55 34.41 -1.77 -26.80
C THR D 55 33.47 -2.14 -25.65
N THR D 56 33.80 -1.71 -24.44
CA THR D 56 32.98 -1.88 -23.23
C THR D 56 33.15 -0.65 -22.36
N ALA D 57 32.20 -0.41 -21.45
CA ALA D 57 32.18 0.78 -20.58
C ALA D 57 31.54 0.45 -19.23
N LYS D 58 32.03 1.11 -18.19
CA LYS D 58 31.60 0.92 -16.78
C LYS D 58 30.15 1.40 -16.64
N GLY D 59 29.34 0.65 -15.90
CA GLY D 59 27.96 1.03 -15.53
C GLY D 59 27.97 1.64 -14.15
N GLU D 60 26.87 1.49 -13.40
CA GLU D 60 26.70 2.05 -12.03
C GLU D 60 27.65 1.35 -11.05
N VAL D 61 27.78 0.02 -11.12
CA VAL D 61 28.43 -0.84 -10.08
C VAL D 61 29.48 -1.75 -10.72
N PRO D 62 30.46 -1.17 -11.45
CA PRO D 62 31.42 -1.98 -12.20
C PRO D 62 32.42 -2.75 -11.33
N ASP D 63 32.60 -2.38 -10.06
CA ASP D 63 33.72 -2.88 -9.22
C ASP D 63 33.56 -4.38 -8.95
N GLY D 64 34.65 -5.12 -9.15
CA GLY D 64 34.76 -6.57 -8.91
C GLY D 64 34.41 -7.37 -10.15
N TYR D 65 34.03 -6.72 -11.26
CA TYR D 65 33.62 -7.42 -12.50
C TYR D 65 34.45 -6.99 -13.71
N ASN D 66 34.73 -7.90 -14.62
CA ASN D 66 35.30 -7.55 -15.95
C ASN D 66 34.34 -8.00 -17.06
N VAL D 67 34.44 -7.39 -18.24
CA VAL D 67 33.65 -7.75 -19.45
C VAL D 67 34.55 -7.76 -20.68
N SER D 68 34.22 -8.58 -21.65
CA SER D 68 34.73 -8.49 -23.05
C SER D 68 33.56 -8.70 -24.01
N ARG D 69 33.53 -7.90 -25.07
CA ARG D 69 32.58 -7.99 -26.21
C ARG D 69 33.39 -8.56 -27.38
N LEU D 70 33.30 -9.87 -27.62
CA LEU D 70 34.21 -10.53 -28.60
C LEU D 70 33.78 -10.13 -30.02
N LYS D 71 32.60 -10.58 -30.43
CA LYS D 71 31.93 -10.11 -31.67
C LYS D 71 30.67 -9.34 -31.21
N LYS D 72 29.80 -8.92 -32.14
CA LYS D 72 28.56 -8.18 -31.79
C LYS D 72 27.60 -9.13 -31.05
N GLN D 73 27.67 -10.44 -31.33
CA GLN D 73 26.74 -11.49 -30.83
C GLN D 73 26.96 -11.83 -29.34
N ASN D 74 28.14 -11.53 -28.78
CA ASN D 74 28.60 -12.09 -27.49
C ASN D 74 29.00 -10.96 -26.53
N PHE D 75 28.80 -11.21 -25.23
CA PHE D 75 29.17 -10.29 -24.13
C PHE D 75 29.44 -11.17 -22.90
N LEU D 76 30.71 -11.20 -22.49
CA LEU D 76 31.23 -11.94 -21.31
C LEU D 76 31.27 -11.03 -20.09
N LEU D 77 30.84 -11.56 -18.94
CA LEU D 77 31.07 -10.98 -17.61
C LEU D 77 31.92 -11.96 -16.80
N GLY D 78 33.07 -11.51 -16.31
CA GLY D 78 33.95 -12.32 -15.45
C GLY D 78 33.89 -11.84 -14.02
N LEU D 79 33.85 -12.79 -13.08
CA LEU D 79 34.17 -12.54 -11.64
C LEU D 79 35.51 -13.23 -11.33
N GLU D 80 36.54 -12.49 -10.94
CA GLU D 80 37.91 -13.04 -10.88
C GLU D 80 38.16 -13.59 -9.47
N SER D 81 37.55 -12.98 -8.45
CA SER D 81 37.68 -13.42 -7.03
C SER D 81 36.33 -13.26 -6.32
N ALA D 82 35.46 -14.28 -6.36
CA ALA D 82 34.04 -14.14 -5.95
C ALA D 82 33.96 -13.76 -4.46
N ALA D 83 33.15 -12.75 -4.15
CA ALA D 83 32.83 -12.26 -2.79
C ALA D 83 31.35 -12.49 -2.53
N PRO D 84 30.92 -12.83 -1.29
CA PRO D 84 29.51 -13.07 -0.98
C PRO D 84 28.58 -11.93 -1.42
N SER D 85 29.11 -10.72 -1.53
CA SER D 85 28.37 -9.50 -1.95
C SER D 85 27.93 -9.64 -3.43
N GLN D 86 28.54 -10.56 -4.16
CA GLN D 86 28.27 -10.82 -5.60
C GLN D 86 27.19 -11.88 -5.75
N THR D 87 26.68 -12.44 -4.64
CA THR D 87 25.44 -13.25 -4.60
C THR D 87 24.31 -12.39 -5.15
N SER D 88 23.66 -12.80 -6.24
CA SER D 88 22.72 -11.95 -6.98
C SER D 88 22.12 -12.71 -8.17
N VAL D 89 21.19 -12.06 -8.86
CA VAL D 89 20.72 -12.53 -10.19
C VAL D 89 21.30 -11.57 -11.21
N TYR D 90 22.05 -12.09 -12.18
CA TYR D 90 22.66 -11.30 -13.27
C TYR D 90 21.79 -11.44 -14.50
N PHE D 91 21.35 -10.33 -15.08
CA PHE D 91 20.60 -10.35 -16.36
C PHE D 91 21.44 -9.63 -17.38
N CYS D 92 21.67 -10.28 -18.52
CA CYS D 92 22.18 -9.63 -19.75
C CYS D 92 20.98 -9.04 -20.49
N ALA D 93 21.21 -7.97 -21.23
CA ALA D 93 20.19 -7.33 -22.09
C ALA D 93 20.84 -6.77 -23.36
N SER D 94 20.07 -6.73 -24.44
CA SER D 94 20.51 -6.13 -25.72
C SER D 94 19.41 -5.21 -26.25
N SER D 95 19.79 -4.21 -27.06
CA SER D 95 18.88 -3.32 -27.80
C SER D 95 19.41 -3.08 -29.22
N PHE D 96 18.49 -2.92 -30.18
CA PHE D 96 18.75 -2.38 -31.54
C PHE D 96 19.00 -0.88 -31.38
N THR D 97 18.08 -0.22 -30.67
CA THR D 97 18.16 1.22 -30.30
C THR D 97 18.03 1.36 -28.77
N ASP D 98 16.81 1.58 -28.27
CA ASP D 98 16.53 2.02 -26.87
C ASP D 98 15.93 0.87 -26.04
N THR D 99 15.10 0.03 -26.68
CA THR D 99 14.32 -1.02 -26.00
C THR D 99 15.23 -2.20 -25.68
N GLN D 100 15.41 -2.48 -24.39
CA GLN D 100 16.24 -3.61 -23.90
C GLN D 100 15.37 -4.86 -23.81
N TYR D 101 15.88 -5.98 -24.32
CA TYR D 101 15.32 -7.34 -24.13
C TYR D 101 16.31 -8.08 -23.24
N PHE D 102 15.76 -8.75 -22.23
CA PHE D 102 16.53 -9.36 -21.12
C PHE D 102 16.70 -10.83 -21.44
N GLY D 103 17.90 -11.36 -21.16
CA GLY D 103 18.09 -12.81 -21.07
C GLY D 103 17.32 -13.36 -19.87
N PRO D 104 17.34 -14.69 -19.67
CA PRO D 104 16.57 -15.30 -18.58
C PRO D 104 17.23 -15.22 -17.18
N GLY D 105 18.48 -14.74 -17.09
CA GLY D 105 19.14 -14.45 -15.82
C GLY D 105 20.09 -15.56 -15.38
N THR D 106 21.06 -15.24 -14.54
CA THR D 106 22.01 -16.18 -13.92
C THR D 106 21.97 -15.98 -12.41
N ARG D 107 21.52 -16.99 -11.65
CA ARG D 107 21.52 -16.93 -10.17
C ARG D 107 22.87 -17.43 -9.68
N LEU D 108 23.70 -16.54 -9.15
CA LEU D 108 24.96 -16.89 -8.45
C LEU D 108 24.75 -16.82 -6.95
N THR D 109 25.16 -17.86 -6.23
CA THR D 109 25.35 -17.82 -4.76
C THR D 109 26.83 -18.00 -4.45
N VAL D 110 27.43 -17.05 -3.73
CA VAL D 110 28.84 -17.16 -3.26
C VAL D 110 28.84 -17.46 -1.76
N LEU D 111 29.50 -18.55 -1.36
CA LEU D 111 29.56 -19.10 0.01
C LEU D 111 31.02 -19.13 0.48
N GLU D 112 31.25 -18.85 1.76
CA GLU D 112 32.52 -19.12 2.49
C GLU D 112 32.89 -20.61 2.35
N ASP D 113 31.91 -21.51 2.45
CA ASP D 113 32.13 -22.97 2.59
C ASP D 113 30.99 -23.74 1.91
N LEU D 114 31.33 -24.68 1.03
CA LEU D 114 30.40 -25.41 0.14
C LEU D 114 29.73 -26.55 0.89
N LYS D 115 30.06 -26.76 2.16
CA LYS D 115 29.52 -27.91 2.97
C LYS D 115 28.13 -27.50 3.48
N ASN D 116 27.72 -26.26 3.20
CA ASN D 116 26.34 -25.74 3.42
C ASN D 116 25.37 -26.25 2.34
N VAL D 117 25.89 -26.76 1.22
CA VAL D 117 25.06 -27.06 0.02
C VAL D 117 24.38 -28.41 0.23
N PHE D 118 23.05 -28.48 0.09
CA PHE D 118 22.27 -29.74 0.13
C PHE D 118 21.23 -29.77 -0.98
N PRO D 119 21.02 -30.92 -1.65
CA PRO D 119 19.93 -31.05 -2.61
C PRO D 119 18.62 -31.18 -1.85
N PRO D 120 17.47 -30.98 -2.52
CA PRO D 120 16.17 -31.17 -1.89
C PRO D 120 15.85 -32.66 -1.73
N GLU D 121 15.19 -32.99 -0.63
CA GLU D 121 14.33 -34.20 -0.51
C GLU D 121 12.95 -33.78 -0.98
N VAL D 122 12.28 -34.63 -1.74
CA VAL D 122 10.98 -34.30 -2.37
C VAL D 122 9.96 -35.37 -2.00
N ALA D 123 8.78 -34.97 -1.53
CA ALA D 123 7.66 -35.89 -1.23
C ALA D 123 6.37 -35.34 -1.84
N VAL D 124 5.50 -36.21 -2.31
CA VAL D 124 4.13 -35.90 -2.77
C VAL D 124 3.15 -36.45 -1.73
N PHE D 125 2.16 -35.64 -1.35
CA PHE D 125 1.10 -35.97 -0.37
C PHE D 125 -0.23 -36.08 -1.13
N GLU D 126 -0.93 -37.19 -0.90
CA GLU D 126 -2.10 -37.57 -1.71
C GLU D 126 -3.32 -36.84 -1.15
N PRO D 127 -4.33 -36.57 -1.99
CA PRO D 127 -5.57 -35.90 -1.55
C PRO D 127 -6.29 -36.59 -0.39
N SER D 128 -6.81 -35.83 0.58
CA SER D 128 -7.66 -36.36 1.66
C SER D 128 -8.98 -36.84 1.03
N GLU D 129 -9.53 -37.94 1.55
CA GLU D 129 -10.88 -38.44 1.21
C GLU D 129 -11.90 -37.35 1.56
N ALA D 130 -11.72 -36.70 2.71
CA ALA D 130 -12.54 -35.58 3.24
C ALA D 130 -12.70 -34.50 2.17
N GLU D 131 -11.60 -34.12 1.50
CA GLU D 131 -11.63 -33.10 0.43
C GLU D 131 -12.48 -33.62 -0.72
N ILE D 132 -12.20 -34.82 -1.19
CA ILE D 132 -12.89 -35.42 -2.38
C ILE D 132 -14.40 -35.49 -2.11
N SER D 133 -14.81 -35.93 -0.93
CA SER D 133 -16.24 -36.14 -0.58
C SER D 133 -16.93 -34.77 -0.43
N HIS D 134 -16.22 -33.79 0.13
CA HIS D 134 -16.72 -32.42 0.41
C HIS D 134 -16.77 -31.57 -0.86
N THR D 135 -15.90 -31.78 -1.85
CA THR D 135 -15.68 -30.84 -2.98
C THR D 135 -15.80 -31.55 -4.34
N GLN D 136 -15.73 -32.87 -4.40
CA GLN D 136 -15.53 -33.63 -5.66
C GLN D 136 -14.27 -33.14 -6.38
N LYS D 137 -13.26 -32.70 -5.61
CA LYS D 137 -11.92 -32.28 -6.14
C LYS D 137 -10.81 -32.86 -5.27
N ALA D 138 -9.61 -32.87 -5.84
CA ALA D 138 -8.47 -33.62 -5.28
C ALA D 138 -7.19 -32.81 -5.46
N THR D 139 -6.62 -32.37 -4.34
CA THR D 139 -5.39 -31.54 -4.29
C THR D 139 -4.21 -32.41 -3.83
N LEU D 140 -3.24 -32.60 -4.73
CA LEU D 140 -1.91 -33.13 -4.40
C LEU D 140 -1.03 -31.99 -3.89
N VAL D 141 -0.23 -32.26 -2.87
CA VAL D 141 0.81 -31.31 -2.39
C VAL D 141 2.19 -31.92 -2.58
N CYS D 142 3.13 -31.14 -3.10
CA CYS D 142 4.54 -31.52 -3.23
C CYS D 142 5.35 -30.65 -2.27
N LEU D 143 6.21 -31.24 -1.43
CA LEU D 143 7.21 -30.52 -0.60
C LEU D 143 8.62 -30.82 -1.08
N ALA D 144 9.39 -29.78 -1.37
CA ALA D 144 10.86 -29.83 -1.52
C ALA D 144 11.48 -29.25 -0.25
N THR D 145 12.28 -30.04 0.48
CA THR D 145 12.80 -29.70 1.83
C THR D 145 14.32 -29.94 1.92
N GLY D 146 14.96 -29.20 2.83
CA GLY D 146 16.37 -29.37 3.21
C GLY D 146 17.35 -28.90 2.14
N PHE D 147 16.95 -28.05 1.20
CA PHE D 147 17.84 -27.65 0.09
C PHE D 147 18.53 -26.32 0.42
N TYR D 148 19.71 -26.13 -0.14
CA TYR D 148 20.55 -24.90 0.01
C TYR D 148 21.63 -24.92 -1.07
N PRO D 149 21.86 -23.80 -1.80
CA PRO D 149 21.09 -22.57 -1.66
C PRO D 149 19.67 -22.61 -2.28
N ASP D 150 19.04 -21.46 -2.41
CA ASP D 150 17.65 -21.32 -2.93
C ASP D 150 17.67 -21.43 -4.47
N HIS D 151 18.00 -22.60 -5.01
CA HIS D 151 18.27 -22.84 -6.45
C HIS D 151 17.46 -24.05 -6.90
N VAL D 152 16.13 -23.94 -7.00
CA VAL D 152 15.26 -25.08 -7.43
C VAL D 152 14.26 -24.61 -8.50
N GLU D 153 13.79 -25.51 -9.34
CA GLU D 153 12.64 -25.32 -10.27
C GLU D 153 11.74 -26.54 -10.10
N LEU D 154 10.53 -26.31 -9.62
CA LEU D 154 9.53 -27.38 -9.37
C LEU D 154 8.55 -27.36 -10.54
N SER D 155 8.27 -28.53 -11.12
CA SER D 155 7.25 -28.73 -12.17
C SER D 155 6.41 -29.98 -11.82
N TRP D 156 5.16 -30.00 -12.25
CA TRP D 156 4.27 -31.19 -12.19
C TRP D 156 4.25 -31.84 -13.58
N TRP D 157 4.23 -33.17 -13.61
CA TRP D 157 4.09 -34.00 -14.83
C TRP D 157 3.00 -35.06 -14.57
N VAL D 158 1.96 -35.04 -15.38
CA VAL D 158 0.80 -35.97 -15.23
C VAL D 158 0.74 -36.81 -16.51
N ASN D 159 0.68 -38.15 -16.34
CA ASN D 159 0.73 -39.13 -17.44
C ASN D 159 1.72 -38.64 -18.51
N GLY D 160 2.90 -38.19 -18.10
CA GLY D 160 4.04 -37.93 -19.01
C GLY D 160 4.15 -36.50 -19.53
N LYS D 161 3.14 -35.65 -19.26
CA LYS D 161 3.02 -34.27 -19.81
C LYS D 161 3.11 -33.24 -18.67
N GLU D 162 3.98 -32.25 -18.81
CA GLU D 162 4.09 -31.09 -17.86
C GLU D 162 2.76 -30.33 -17.84
N VAL D 163 2.18 -30.11 -16.66
CA VAL D 163 0.87 -29.40 -16.54
C VAL D 163 1.06 -28.09 -15.77
N HIS D 164 0.26 -27.08 -16.14
CA HIS D 164 0.21 -25.76 -15.47
C HIS D 164 -1.20 -25.52 -14.88
N SER D 165 -2.23 -26.11 -15.49
CA SER D 165 -3.64 -25.98 -15.05
C SER D 165 -3.79 -26.68 -13.70
N GLY D 166 -4.43 -26.05 -12.72
CA GLY D 166 -4.66 -26.63 -11.40
C GLY D 166 -3.44 -26.53 -10.51
N VAL D 167 -2.40 -25.81 -10.95
CA VAL D 167 -1.08 -25.77 -10.26
C VAL D 167 -0.88 -24.41 -9.62
N CYS D 168 -0.31 -24.39 -8.42
CA CYS D 168 0.27 -23.16 -7.85
C CYS D 168 1.45 -23.52 -6.92
N THR D 169 2.59 -22.91 -7.19
CA THR D 169 3.86 -23.13 -6.47
C THR D 169 4.13 -21.88 -5.64
N ASP D 170 4.58 -22.03 -4.39
CA ASP D 170 5.01 -20.84 -3.61
C ASP D 170 5.97 -20.03 -4.47
N PRO D 171 5.78 -18.69 -4.62
CA PRO D 171 6.73 -17.90 -5.40
C PRO D 171 8.13 -17.83 -4.78
N GLN D 172 8.27 -18.19 -3.50
CA GLN D 172 9.59 -18.18 -2.81
C GLN D 172 9.58 -19.22 -1.69
N PRO D 173 10.76 -19.81 -1.41
CA PRO D 173 10.87 -20.84 -0.38
C PRO D 173 10.91 -20.21 1.00
N LEU D 174 10.54 -21.00 2.00
CA LEU D 174 10.68 -20.72 3.45
C LEU D 174 12.07 -21.16 3.90
N LYS D 175 12.63 -20.46 4.88
CA LYS D 175 13.77 -20.95 5.69
C LYS D 175 13.27 -21.98 6.70
N GLU D 176 13.97 -23.09 6.85
CA GLU D 176 13.62 -24.20 7.78
C GLU D 176 14.07 -23.85 9.21
N GLN D 177 14.94 -22.84 9.32
CA GLN D 177 15.46 -22.24 10.58
C GLN D 177 15.52 -20.74 10.34
N PRO D 178 14.39 -20.00 10.45
CA PRO D 178 14.36 -18.60 10.02
C PRO D 178 15.49 -17.72 10.58
N ALA D 179 16.10 -18.10 11.71
CA ALA D 179 17.10 -17.30 12.47
C ALA D 179 18.48 -17.44 11.85
N LEU D 180 19.01 -18.68 11.83
CA LEU D 180 20.34 -19.05 11.30
C LEU D 180 20.51 -18.44 9.90
N ASN D 181 21.66 -17.78 9.68
CA ASN D 181 21.98 -17.03 8.42
C ASN D 181 22.00 -18.01 7.24
N ASP D 182 22.63 -19.18 7.42
CA ASP D 182 22.74 -20.25 6.39
C ASP D 182 21.63 -21.29 6.56
N SER D 183 20.39 -20.85 6.72
CA SER D 183 19.22 -21.77 6.86
C SER D 183 18.98 -22.52 5.55
N ARG D 184 18.73 -23.82 5.61
CA ARG D 184 18.21 -24.65 4.48
C ARG D 184 16.77 -24.25 4.19
N TYR D 185 16.21 -24.63 3.04
CA TYR D 185 14.94 -24.07 2.53
C TYR D 185 13.93 -25.19 2.30
N ALA D 186 12.66 -24.79 2.20
CA ALA D 186 11.54 -25.65 1.79
C ALA D 186 10.70 -24.91 0.77
N LEU D 187 10.05 -25.61 -0.14
CA LEU D 187 9.17 -25.05 -1.17
C LEU D 187 7.99 -26.03 -1.30
N SER D 188 6.76 -25.52 -1.39
CA SER D 188 5.57 -26.37 -1.59
C SER D 188 4.87 -25.97 -2.89
N SER D 189 4.15 -26.92 -3.48
CA SER D 189 3.34 -26.70 -4.70
C SER D 189 2.06 -27.50 -4.54
N ARG D 190 0.98 -27.07 -5.21
CA ARG D 190 -0.30 -27.80 -5.26
C ARG D 190 -0.63 -28.11 -6.72
N LEU D 191 -1.18 -29.29 -6.94
CA LEU D 191 -1.90 -29.67 -8.18
C LEU D 191 -3.29 -30.14 -7.76
N ARG D 192 -4.33 -29.49 -8.24
CA ARG D 192 -5.74 -29.86 -7.97
C ARG D 192 -6.39 -30.44 -9.22
N VAL D 193 -7.01 -31.62 -9.07
CA VAL D 193 -7.72 -32.35 -10.18
C VAL D 193 -9.11 -32.74 -9.69
N SER D 194 -10.02 -33.04 -10.62
CA SER D 194 -11.34 -33.67 -10.32
C SER D 194 -11.08 -34.94 -9.52
N ALA D 195 -11.95 -35.26 -8.55
CA ALA D 195 -11.93 -36.49 -7.73
C ALA D 195 -12.02 -37.73 -8.63
N THR D 196 -12.67 -37.63 -9.81
CA THR D 196 -12.82 -38.74 -10.77
C THR D 196 -11.43 -39.05 -11.33
N PHE D 197 -10.73 -38.02 -11.82
CA PHE D 197 -9.36 -38.13 -12.36
C PHE D 197 -8.41 -38.74 -11.32
N TRP D 198 -8.51 -38.31 -10.07
CA TRP D 198 -7.68 -38.84 -8.97
C TRP D 198 -8.00 -40.32 -8.72
N GLN D 199 -9.28 -40.72 -8.80
CA GLN D 199 -9.75 -42.07 -8.38
C GLN D 199 -9.38 -43.14 -9.44
N ASP D 200 -9.01 -42.71 -10.66
CA ASP D 200 -8.49 -43.56 -11.77
C ASP D 200 -7.01 -43.90 -11.52
N PRO D 201 -6.67 -45.17 -11.19
CA PRO D 201 -5.26 -45.54 -10.97
C PRO D 201 -4.42 -45.60 -12.26
N ARG D 202 -5.02 -45.43 -13.44
CA ARG D 202 -4.30 -45.27 -14.72
C ARG D 202 -3.48 -43.97 -14.70
N ASN D 203 -3.62 -43.13 -13.66
CA ASN D 203 -3.14 -41.73 -13.67
C ASN D 203 -1.90 -41.56 -12.78
N HIS D 204 -0.81 -41.05 -13.38
CA HIS D 204 0.55 -40.93 -12.78
C HIS D 204 0.86 -39.46 -12.52
N PHE D 205 0.99 -39.08 -11.25
CA PHE D 205 1.33 -37.70 -10.79
C PHE D 205 2.79 -37.66 -10.32
N ARG D 206 3.62 -36.83 -10.96
CA ARG D 206 5.06 -36.72 -10.66
C ARG D 206 5.43 -35.24 -10.44
N CYS D 207 6.01 -34.97 -9.28
CA CYS D 207 6.59 -33.68 -8.87
C CYS D 207 8.09 -33.75 -9.14
N GLN D 208 8.59 -32.88 -10.02
CA GLN D 208 9.99 -32.83 -10.49
C GLN D 208 10.65 -31.54 -9.95
N VAL D 209 11.74 -31.69 -9.19
CA VAL D 209 12.48 -30.55 -8.59
C VAL D 209 13.89 -30.55 -9.15
N GLN D 210 14.16 -29.69 -10.11
CA GLN D 210 15.55 -29.44 -10.56
C GLN D 210 16.25 -28.64 -9.46
N PHE D 211 17.33 -29.19 -8.91
CA PHE D 211 18.24 -28.50 -7.95
C PHE D 211 19.54 -28.11 -8.66
N TYR D 212 20.02 -26.89 -8.42
CA TYR D 212 21.33 -26.45 -8.98
C TYR D 212 22.34 -26.32 -7.83
N GLY D 213 23.33 -27.22 -7.81
CA GLY D 213 24.32 -27.34 -6.73
C GLY D 213 25.73 -27.19 -7.27
N LEU D 214 26.61 -28.11 -6.88
CA LEU D 214 28.05 -28.10 -7.24
C LEU D 214 28.20 -28.75 -8.60
N SER D 215 29.27 -28.43 -9.34
CA SER D 215 29.71 -29.18 -10.55
C SER D 215 30.33 -30.49 -10.09
N GLU D 216 30.36 -31.51 -10.95
CA GLU D 216 31.12 -32.77 -10.64
C GLU D 216 32.60 -32.37 -10.45
N ASN D 217 33.07 -31.35 -11.17
CA ASN D 217 34.46 -30.79 -11.09
C ASN D 217 34.60 -29.83 -9.89
N ASP D 218 34.13 -30.24 -8.71
CA ASP D 218 34.28 -29.52 -7.42
C ASP D 218 34.88 -30.50 -6.40
N GLU D 219 35.82 -30.05 -5.58
CA GLU D 219 36.41 -30.89 -4.51
C GLU D 219 35.32 -31.24 -3.48
N TRP D 220 35.11 -32.52 -3.19
CA TRP D 220 34.19 -32.98 -2.11
C TRP D 220 34.89 -34.03 -1.23
N THR D 221 35.02 -33.73 0.07
CA THR D 221 35.76 -34.55 1.07
C THR D 221 34.78 -35.19 2.06
N GLN D 222 33.59 -34.59 2.26
CA GLN D 222 32.62 -34.99 3.30
C GLN D 222 32.01 -36.35 2.94
N ASP D 223 31.51 -37.08 3.96
CA ASP D 223 31.02 -38.48 3.83
C ASP D 223 29.81 -38.50 2.89
N ARG D 224 28.83 -37.64 3.13
CA ARG D 224 27.55 -37.61 2.36
C ARG D 224 27.85 -37.37 0.87
N ALA D 225 26.93 -37.81 0.03
CA ALA D 225 26.92 -37.63 -1.43
C ALA D 225 27.21 -36.16 -1.75
N LYS D 226 28.14 -35.92 -2.66
CA LYS D 226 28.43 -34.59 -3.23
C LYS D 226 27.11 -34.00 -3.72
N PRO D 227 26.72 -32.79 -3.26
CA PRO D 227 25.44 -32.18 -3.64
C PRO D 227 25.48 -31.48 -5.02
N VAL D 228 25.55 -32.27 -6.10
CA VAL D 228 25.68 -31.77 -7.49
C VAL D 228 24.31 -31.33 -8.01
N THR D 229 24.31 -30.55 -9.08
CA THR D 229 23.12 -30.28 -9.91
C THR D 229 22.44 -31.63 -10.14
N GLN D 230 21.14 -31.70 -9.91
CA GLN D 230 20.38 -32.96 -10.11
C GLN D 230 18.89 -32.67 -10.09
N ILE D 231 18.12 -33.55 -10.69
CA ILE D 231 16.64 -33.60 -10.59
C ILE D 231 16.25 -34.67 -9.57
N VAL D 232 15.40 -34.31 -8.61
CA VAL D 232 14.79 -35.25 -7.63
C VAL D 232 13.29 -35.29 -7.95
N SER D 233 12.71 -36.47 -8.10
CA SER D 233 11.25 -36.64 -8.32
C SER D 233 10.65 -37.40 -7.14
N ALA D 234 9.36 -37.18 -6.91
CA ALA D 234 8.48 -38.04 -6.11
C ALA D 234 7.19 -38.19 -6.92
N GLU D 235 6.51 -39.33 -6.80
CA GLU D 235 5.34 -39.63 -7.66
C GLU D 235 4.24 -40.29 -6.83
N ALA D 236 3.06 -40.33 -7.42
CA ALA D 236 1.85 -40.95 -6.84
C ALA D 236 0.95 -41.38 -7.99
N TRP D 237 0.10 -42.36 -7.72
CA TRP D 237 -0.88 -42.93 -8.66
C TRP D 237 -2.26 -42.71 -8.07
N GLY D 238 -3.28 -42.50 -8.90
CA GLY D 238 -4.68 -42.42 -8.44
C GLY D 238 -5.08 -43.69 -7.70
N ARG D 239 -6.13 -43.63 -6.88
CA ARG D 239 -6.68 -44.80 -6.15
C ARG D 239 -8.17 -44.58 -5.90
N ALA D 240 -8.95 -45.66 -5.69
CA ALA D 240 -10.43 -45.67 -5.51
C ALA D 240 -10.81 -45.90 -4.05
#